data_5KSW
#
_entry.id   5KSW
#
_cell.length_a   79.990
_cell.length_b   151.720
_cell.length_c   214.310
_cell.angle_alpha   90.000
_cell.angle_beta   90.000
_cell.angle_gamma   90.000
#
_symmetry.space_group_name_H-M   'C 2 2 21'
#
loop_
_entity.id
_entity.type
_entity.pdbx_description
1 polymer 'Dihydroorotate dehydrogenase'
2 polymer 'Dihydroorotate dehydrogenase B (NAD(+)), electron transfer subunit'
3 non-polymer 'FLAVIN MONONUCLEOTIDE'
4 non-polymer 'CHLORIDE ION'
5 non-polymer 1,2-ETHANEDIOL
6 non-polymer 'FLAVIN-ADENINE DINUCLEOTIDE'
7 non-polymer 'FE2/S2 (INORGANIC) CLUSTER'
8 water water
#
loop_
_entity_poly.entity_id
_entity_poly.type
_entity_poly.pdbx_seq_one_letter_code
_entity_poly.pdbx_strand_id
1 'polypeptide(L)'
;NRLSVKLPGLDLKNPIIPASGCFGFGEEYAKYYDLNKLGSIMVKATTLHPRFGNPTPRVAETASGMLNADGLQNPGLEVI
MAEKLPWLNENFPDLPIIANVAGSEEDDYVAVCAKIGDAPNVKVIELNISCPNVKHGGQAFGTDPDVAAALVKACKAVSK
VPLYVKLSPNVTDIVPIAKAVEAAGADGLTMINTLMGVRFDLKTRKPVLANITGGLSGPAIKPVALKLIHQVAQVVDIPI
IGMGGVESAQDVLEMYMAGASAVAVGTANFADPFVCPKIIEKLPEVMDQYGIDSLENLIQEVKNSK
;
A,C
2 'polypeptide(L)'
;MPKLQEMMTIVSQREVASNIFEMVLKGELVEEMDLPGQFLHLAVPNASMLLRRPISISSWDKVAKTCTILYRIGDETSGT
YEISKLQSGAKIDVMGPLGNGFPVDEVVSTDKILIVGGGIGVPPLYELAKQLEEKNCQMTILLGFASEKVKILEKEFAEL
KNVSLKIATDDGSYGTKGHVGMLMEEIDFEVDALYTCGAPAMLKAVAKKYEQLERLYISMESRMACGIGACYACVEHDKE
DENHALKVCEDGPVFLGKQLLL
;
B,D
#
# COMPACT_ATOMS: atom_id res chain seq x y z
N ASN A 1 -13.17 -29.30 -2.26
CA ASN A 1 -14.58 -29.56 -2.03
C ASN A 1 -15.33 -29.85 -3.35
N ARG A 2 -16.65 -29.63 -3.33
CA ARG A 2 -17.47 -29.77 -4.54
C ARG A 2 -17.07 -28.77 -5.61
N LEU A 3 -16.77 -27.54 -5.19
CA LEU A 3 -16.41 -26.47 -6.11
C LEU A 3 -14.98 -26.58 -6.63
N SER A 4 -14.14 -27.40 -6.01
CA SER A 4 -12.74 -27.46 -6.41
C SER A 4 -12.60 -28.03 -7.81
N VAL A 5 -11.66 -27.49 -8.59
CA VAL A 5 -11.43 -27.95 -9.96
C VAL A 5 -9.94 -27.81 -10.26
N LYS A 6 -9.40 -28.80 -10.99
CA LYS A 6 -7.98 -28.82 -11.33
C LYS A 6 -7.80 -28.73 -12.84
N LEU A 7 -7.00 -27.77 -13.26
CA LEU A 7 -6.69 -27.47 -14.65
C LEU A 7 -5.19 -27.34 -14.78
N PRO A 8 -4.66 -27.43 -16.00
CA PRO A 8 -3.21 -27.22 -16.19
C PRO A 8 -2.71 -25.93 -15.59
N GLY A 9 -1.90 -26.03 -14.53
CA GLY A 9 -1.37 -24.87 -13.83
C GLY A 9 -2.28 -24.28 -12.76
N LEU A 10 -3.43 -24.90 -12.49
CA LEU A 10 -4.44 -24.28 -11.65
C LEU A 10 -5.09 -25.32 -10.75
N ASP A 11 -4.83 -25.25 -9.45
CA ASP A 11 -5.57 -26.05 -8.48
C ASP A 11 -6.51 -25.09 -7.76
N LEU A 12 -7.74 -24.99 -8.26
CA LEU A 12 -8.65 -23.92 -7.86
C LEU A 12 -9.59 -24.38 -6.75
N LYS A 13 -9.76 -23.51 -5.75
CA LYS A 13 -10.71 -23.81 -4.69
C LYS A 13 -12.14 -23.73 -5.22
N ASN A 14 -12.38 -22.91 -6.24
CA ASN A 14 -13.65 -22.87 -6.95
C ASN A 14 -13.36 -22.36 -8.36
N PRO A 15 -14.30 -22.52 -9.30
CA PRO A 15 -14.01 -22.17 -10.70
C PRO A 15 -14.27 -20.73 -11.09
N ILE A 16 -14.56 -19.84 -10.14
CA ILE A 16 -14.97 -18.47 -10.45
C ILE A 16 -13.74 -17.58 -10.58
N ILE A 17 -13.57 -16.98 -11.75
CA ILE A 17 -12.39 -16.19 -12.08
C ILE A 17 -12.85 -14.86 -12.69
N PRO A 18 -12.57 -13.72 -12.04
CA PRO A 18 -12.83 -12.44 -12.69
C PRO A 18 -12.11 -12.31 -14.03
N ALA A 19 -12.85 -11.89 -15.06
CA ALA A 19 -12.27 -11.84 -16.40
C ALA A 19 -11.32 -10.65 -16.61
N SER A 20 -10.35 -10.87 -17.49
CA SER A 20 -9.31 -9.87 -17.76
C SER A 20 -9.89 -8.55 -18.25
N GLY A 21 -9.41 -7.45 -17.68
CA GLY A 21 -9.92 -6.17 -18.05
C GLY A 21 -11.13 -5.72 -17.25
N CYS A 22 -11.68 -6.59 -16.40
CA CYS A 22 -12.83 -6.25 -15.56
C CYS A 22 -12.49 -6.28 -14.07
N PHE A 23 -11.23 -6.51 -13.72
CA PHE A 23 -10.80 -6.60 -12.33
C PHE A 23 -9.54 -5.81 -12.07
N GLY A 24 -8.98 -5.15 -13.09
CA GLY A 24 -7.72 -4.45 -12.95
C GLY A 24 -6.64 -5.45 -12.62
N PHE A 25 -5.85 -5.13 -11.60
CA PHE A 25 -4.95 -6.08 -10.94
C PHE A 25 -5.40 -6.34 -9.49
N GLY A 26 -6.71 -6.21 -9.23
CA GLY A 26 -7.33 -6.60 -7.99
C GLY A 26 -7.39 -5.53 -6.92
N GLU A 27 -6.67 -4.43 -7.08
CA GLU A 27 -6.45 -3.57 -5.94
C GLU A 27 -7.73 -2.86 -5.54
N GLU A 28 -8.61 -2.61 -6.51
CA GLU A 28 -9.84 -1.88 -6.20
C GLU A 28 -10.91 -2.82 -5.65
N TYR A 29 -11.14 -3.95 -6.31
CA TYR A 29 -12.15 -4.87 -5.81
C TYR A 29 -11.77 -5.48 -4.46
N ALA A 30 -10.47 -5.54 -4.16
CA ALA A 30 -10.05 -6.03 -2.85
C ALA A 30 -10.65 -5.20 -1.72
N LYS A 31 -10.94 -3.92 -1.98
CA LYS A 31 -11.58 -3.06 -0.98
C LYS A 31 -12.94 -3.58 -0.58
N TYR A 32 -13.54 -4.49 -1.36
CA TYR A 32 -14.91 -4.93 -1.14
C TYR A 32 -15.03 -6.34 -0.60
N TYR A 33 -14.03 -7.19 -0.80
CA TYR A 33 -14.07 -8.49 -0.16
C TYR A 33 -12.68 -9.11 -0.25
N ASP A 34 -12.50 -10.19 0.51
CA ASP A 34 -11.24 -10.93 0.51
C ASP A 34 -11.10 -11.69 -0.80
N LEU A 35 -10.13 -11.27 -1.62
CA LEU A 35 -9.91 -11.90 -2.91
C LEU A 35 -9.52 -13.37 -2.79
N ASN A 36 -9.19 -13.84 -1.60
CA ASN A 36 -8.90 -15.26 -1.44
C ASN A 36 -10.12 -16.12 -1.73
N LYS A 37 -11.32 -15.54 -1.65
CA LYS A 37 -12.53 -16.30 -1.97
C LYS A 37 -12.54 -16.75 -3.42
N LEU A 38 -11.88 -16.00 -4.30
CA LEU A 38 -11.86 -16.29 -5.72
C LEU A 38 -11.06 -17.55 -5.98
N GLY A 39 -11.36 -18.21 -7.09
CA GLY A 39 -10.52 -19.30 -7.52
C GLY A 39 -9.22 -18.82 -8.11
N SER A 40 -9.30 -17.80 -8.95
CA SER A 40 -8.15 -17.22 -9.61
C SER A 40 -8.53 -15.80 -10.04
N ILE A 41 -7.64 -15.14 -10.78
CA ILE A 41 -7.91 -13.83 -11.35
C ILE A 41 -7.22 -13.75 -12.71
N MET A 42 -7.98 -13.34 -13.73
CA MET A 42 -7.39 -12.92 -14.99
C MET A 42 -7.16 -11.41 -14.92
N VAL A 43 -5.91 -11.01 -14.76
CA VAL A 43 -5.61 -9.60 -14.56
C VAL A 43 -5.63 -8.88 -15.90
N LYS A 44 -5.68 -7.55 -15.85
CA LYS A 44 -5.64 -6.74 -17.07
C LYS A 44 -4.50 -7.16 -17.97
N ALA A 45 -4.73 -7.02 -19.28
CA ALA A 45 -3.74 -7.37 -20.29
C ALA A 45 -2.38 -6.75 -19.98
N THR A 46 -1.32 -7.49 -20.25
CA THR A 46 0.04 -6.99 -20.19
C THR A 46 0.58 -6.88 -21.62
N THR A 47 1.02 -5.69 -22.00
CA THR A 47 1.82 -5.53 -23.20
C THR A 47 3.24 -5.19 -22.82
N LEU A 48 4.14 -5.30 -23.78
CA LEU A 48 5.57 -5.12 -23.50
C LEU A 48 5.86 -3.70 -23.01
N HIS A 49 5.25 -2.71 -23.64
CA HIS A 49 5.41 -1.32 -23.29
C HIS A 49 4.13 -0.75 -22.72
N PRO A 50 4.20 0.38 -22.01
CA PRO A 50 2.99 1.01 -21.49
C PRO A 50 2.06 1.45 -22.61
N ARG A 51 0.77 1.50 -22.30
CA ARG A 51 -0.21 1.99 -23.27
C ARG A 51 -1.22 2.86 -22.54
N PHE A 52 -1.40 4.10 -23.01
CA PHE A 52 -2.49 4.89 -22.45
C PHE A 52 -3.82 4.36 -22.93
N GLY A 53 -3.85 3.74 -24.10
CA GLY A 53 -5.10 3.24 -24.63
C GLY A 53 -5.80 4.24 -25.50
N ASN A 54 -7.05 3.94 -25.78
CA ASN A 54 -7.84 4.75 -26.69
C ASN A 54 -8.39 6.02 -26.03
N PRO A 55 -8.74 7.02 -26.83
CA PRO A 55 -9.43 8.20 -26.30
C PRO A 55 -10.82 7.86 -25.78
N THR A 56 -11.35 8.75 -24.95
CA THR A 56 -12.71 8.64 -24.43
C THR A 56 -13.70 9.28 -25.42
N PRO A 57 -15.01 8.98 -25.30
CA PRO A 57 -15.66 7.98 -24.43
C PRO A 57 -15.20 6.57 -24.79
N ARG A 58 -14.99 5.77 -23.75
CA ARG A 58 -14.53 4.39 -23.93
C ARG A 58 -15.63 3.35 -23.78
N VAL A 59 -16.74 3.67 -23.12
CA VAL A 59 -17.77 2.68 -22.84
C VAL A 59 -19.13 3.24 -23.23
N ALA A 60 -20.09 2.32 -23.41
CA ALA A 60 -21.48 2.66 -23.71
C ALA A 60 -22.35 1.53 -23.20
N GLU A 61 -23.57 1.86 -22.82
CA GLU A 61 -24.50 0.83 -22.39
C GLU A 61 -25.26 0.25 -23.59
N THR A 62 -25.59 -1.03 -23.51
CA THR A 62 -26.45 -1.67 -24.49
C THR A 62 -27.48 -2.52 -23.76
N ALA A 63 -28.43 -3.07 -24.54
CA ALA A 63 -29.47 -3.91 -23.96
C ALA A 63 -28.86 -5.18 -23.40
N SER A 64 -28.86 -5.30 -22.07
CA SER A 64 -28.29 -6.45 -21.37
C SER A 64 -26.80 -6.61 -21.66
N GLY A 65 -26.13 -5.50 -21.97
CA GLY A 65 -24.71 -5.54 -22.26
C GLY A 65 -24.05 -4.18 -22.16
N MET A 66 -22.80 -4.12 -22.60
CA MET A 66 -22.06 -2.88 -22.72
C MET A 66 -21.10 -2.98 -23.90
N LEU A 67 -20.65 -1.81 -24.37
CA LEU A 67 -19.53 -1.69 -25.29
C LEU A 67 -18.32 -1.12 -24.57
N ASN A 68 -17.14 -1.61 -24.91
CA ASN A 68 -15.91 -1.06 -24.32
C ASN A 68 -14.80 -1.00 -25.36
N ALA A 69 -14.03 0.09 -25.35
CA ALA A 69 -12.90 0.26 -26.25
C ALA A 69 -11.74 0.96 -25.55
N ASP A 70 -11.32 0.44 -24.38
CA ASP A 70 -10.20 1.07 -23.68
C ASP A 70 -8.90 0.96 -24.47
N GLY A 71 -8.76 -0.06 -25.30
CA GLY A 71 -7.58 -0.21 -26.10
C GLY A 71 -6.41 -0.82 -25.36
N LEU A 72 -6.67 -1.69 -24.40
CA LEU A 72 -5.65 -2.40 -23.63
C LEU A 72 -4.69 -1.43 -22.94
N GLN A 73 -5.27 -0.52 -22.15
CA GLN A 73 -4.47 0.34 -21.29
C GLN A 73 -3.82 -0.48 -20.19
N ASN A 74 -2.51 -0.34 -20.06
CA ASN A 74 -1.80 -1.06 -19.01
C ASN A 74 -0.44 -0.42 -18.82
N PRO A 75 0.16 -0.53 -17.63
CA PRO A 75 1.46 0.11 -17.38
C PRO A 75 2.66 -0.60 -18.00
N GLY A 76 2.49 -1.72 -18.67
CA GLY A 76 3.60 -2.36 -19.33
C GLY A 76 4.31 -3.37 -18.43
N LEU A 77 5.09 -4.22 -19.08
CA LEU A 77 5.69 -5.41 -18.45
C LEU A 77 6.45 -5.08 -17.16
N GLU A 78 7.41 -4.15 -17.24
CA GLU A 78 8.27 -3.84 -16.11
C GLU A 78 7.46 -3.45 -14.89
N VAL A 79 6.56 -2.48 -15.07
CA VAL A 79 5.72 -2.02 -13.96
C VAL A 79 4.82 -3.14 -13.47
N ILE A 80 4.40 -4.03 -14.36
CA ILE A 80 3.51 -5.10 -13.92
C ILE A 80 4.30 -6.16 -13.16
N MET A 81 5.54 -6.44 -13.61
CA MET A 81 6.41 -7.35 -12.86
C MET A 81 6.84 -6.75 -11.53
N ALA A 82 7.04 -5.43 -11.47
CA ALA A 82 7.60 -4.80 -10.28
C ALA A 82 6.55 -4.38 -9.27
N GLU A 83 5.36 -4.00 -9.72
CA GLU A 83 4.36 -3.43 -8.80
C GLU A 83 3.11 -4.29 -8.73
N LYS A 84 2.44 -4.53 -9.86
CA LYS A 84 1.10 -5.07 -9.86
C LYS A 84 1.08 -6.51 -9.37
N LEU A 85 1.89 -7.37 -9.97
CA LEU A 85 1.97 -8.77 -9.57
C LEU A 85 2.54 -8.96 -8.16
N PRO A 86 3.62 -8.25 -7.77
CA PRO A 86 4.10 -8.40 -6.38
C PRO A 86 3.06 -8.02 -5.33
N TRP A 87 2.29 -6.95 -5.55
CA TRP A 87 1.22 -6.59 -4.62
C TRP A 87 0.24 -7.73 -4.43
N LEU A 88 -0.11 -8.43 -5.53
CA LEU A 88 -1.01 -9.57 -5.42
C LEU A 88 -0.34 -10.74 -4.74
N ASN A 89 0.97 -10.91 -4.96
CA ASN A 89 1.73 -11.96 -4.30
C ASN A 89 1.83 -11.72 -2.80
N GLU A 90 2.08 -10.47 -2.39
CA GLU A 90 2.16 -10.15 -0.97
C GLU A 90 0.83 -10.31 -0.27
N ASN A 91 -0.23 -9.68 -0.79
CA ASN A 91 -1.52 -9.69 -0.12
C ASN A 91 -2.30 -10.99 -0.30
N PHE A 92 -2.02 -11.77 -1.36
CA PHE A 92 -2.74 -13.01 -1.63
C PHE A 92 -1.79 -14.05 -2.21
N PRO A 93 -0.79 -14.48 -1.43
CA PRO A 93 0.26 -15.37 -1.97
C PRO A 93 -0.25 -16.71 -2.45
N ASP A 94 -1.40 -17.17 -1.98
CA ASP A 94 -1.92 -18.46 -2.39
C ASP A 94 -2.93 -18.38 -3.54
N LEU A 95 -3.29 -17.18 -3.97
CA LEU A 95 -4.27 -16.97 -5.02
C LEU A 95 -3.55 -17.06 -6.36
N PRO A 96 -3.78 -18.11 -7.15
CA PRO A 96 -3.10 -18.20 -8.45
C PRO A 96 -3.61 -17.13 -9.41
N ILE A 97 -2.71 -16.60 -10.24
CA ILE A 97 -3.03 -15.49 -11.13
C ILE A 97 -2.82 -15.93 -12.57
N ILE A 98 -3.79 -15.59 -13.42
CA ILE A 98 -3.69 -15.79 -14.86
C ILE A 98 -3.30 -14.45 -15.51
N ALA A 99 -2.13 -14.43 -16.14
CA ALA A 99 -1.63 -13.21 -16.77
C ALA A 99 -2.05 -13.19 -18.24
N ASN A 100 -2.97 -12.28 -18.54
CA ASN A 100 -3.44 -11.99 -19.89
C ASN A 100 -2.34 -11.27 -20.66
N VAL A 101 -1.93 -11.84 -21.80
CA VAL A 101 -0.79 -11.31 -22.56
C VAL A 101 -1.23 -10.89 -23.97
N ALA A 102 -0.99 -9.62 -24.31
CA ALA A 102 -1.40 -9.06 -25.59
C ALA A 102 -0.18 -8.45 -26.27
N GLY A 103 -0.34 -8.03 -27.52
CA GLY A 103 0.76 -7.42 -28.26
C GLY A 103 0.37 -7.02 -29.67
N SER A 104 1.25 -6.23 -30.28
CA SER A 104 1.06 -5.75 -31.64
C SER A 104 1.80 -6.58 -32.67
N GLU A 105 2.87 -7.26 -32.26
CA GLU A 105 3.59 -8.15 -33.14
C GLU A 105 4.17 -9.28 -32.32
N GLU A 106 4.53 -10.36 -33.03
CA GLU A 106 4.86 -11.63 -32.39
C GLU A 106 5.99 -11.48 -31.39
N ASP A 107 7.04 -10.75 -31.77
CA ASP A 107 8.18 -10.54 -30.88
C ASP A 107 7.74 -9.96 -29.55
N ASP A 108 6.77 -9.05 -29.59
CA ASP A 108 6.23 -8.45 -28.37
C ASP A 108 5.52 -9.49 -27.51
N TYR A 109 4.67 -10.31 -28.13
CA TYR A 109 4.03 -11.41 -27.40
C TYR A 109 5.05 -12.33 -26.75
N VAL A 110 6.08 -12.70 -27.52
CA VAL A 110 7.08 -13.66 -27.03
C VAL A 110 7.85 -13.07 -25.84
N ALA A 111 8.29 -11.82 -25.97
CA ALA A 111 9.05 -11.17 -24.89
C ALA A 111 8.28 -11.17 -23.58
N VAL A 112 6.98 -10.88 -23.62
CA VAL A 112 6.20 -10.88 -22.38
C VAL A 112 6.09 -12.29 -21.82
N CYS A 113 5.83 -13.28 -22.69
CA CYS A 113 5.68 -14.66 -22.25
C CYS A 113 6.97 -15.23 -21.65
N ALA A 114 8.12 -14.74 -22.11
CA ALA A 114 9.39 -15.18 -21.53
C ALA A 114 9.54 -14.69 -20.09
N LYS A 115 9.10 -13.46 -19.81
CA LYS A 115 9.37 -12.85 -18.52
C LYS A 115 8.28 -13.10 -17.49
N ILE A 116 7.01 -13.10 -17.88
CA ILE A 116 5.97 -12.93 -16.87
C ILE A 116 5.77 -14.19 -16.03
N GLY A 117 6.11 -15.36 -16.58
CA GLY A 117 6.12 -16.58 -15.79
C GLY A 117 7.06 -16.57 -14.59
N ASP A 118 8.03 -15.64 -14.57
CA ASP A 118 8.95 -15.53 -13.44
C ASP A 118 8.23 -15.12 -12.17
N ALA A 119 7.15 -14.35 -12.29
CA ALA A 119 6.43 -13.94 -11.10
C ALA A 119 5.87 -15.18 -10.41
N PRO A 120 6.08 -15.32 -9.10
CA PRO A 120 5.74 -16.58 -8.43
C PRO A 120 4.24 -16.88 -8.43
N ASN A 121 3.39 -15.87 -8.28
CA ASN A 121 1.96 -16.10 -8.25
C ASN A 121 1.33 -16.32 -9.64
N VAL A 122 2.06 -16.03 -10.72
CA VAL A 122 1.53 -16.26 -12.07
C VAL A 122 1.68 -17.74 -12.40
N LYS A 123 0.54 -18.43 -12.54
CA LYS A 123 0.54 -19.87 -12.84
C LYS A 123 0.18 -20.21 -14.28
N VAL A 124 -0.46 -19.30 -14.99
CA VAL A 124 -0.94 -19.54 -16.33
C VAL A 124 -0.82 -18.22 -17.09
N ILE A 125 -0.43 -18.30 -18.35
CA ILE A 125 -0.49 -17.17 -19.27
C ILE A 125 -1.72 -17.34 -20.14
N GLU A 126 -2.53 -16.30 -20.24
CA GLU A 126 -3.69 -16.29 -21.12
C GLU A 126 -3.32 -15.48 -22.36
N LEU A 127 -3.10 -16.16 -23.47
CA LEU A 127 -2.70 -15.51 -24.72
C LEU A 127 -3.92 -14.85 -25.37
N ASN A 128 -3.92 -13.52 -25.44
CA ASN A 128 -5.02 -12.76 -26.04
C ASN A 128 -4.67 -12.54 -27.51
N ILE A 129 -5.27 -13.29 -28.42
CA ILE A 129 -4.89 -13.13 -29.81
C ILE A 129 -5.91 -12.31 -30.60
N SER A 130 -6.82 -11.62 -29.93
CA SER A 130 -7.77 -10.75 -30.61
C SER A 130 -7.17 -9.39 -30.96
N CYS A 131 -5.80 -9.32 -31.11
CA CYS A 131 -5.07 -8.06 -31.27
C CYS A 131 -4.72 -7.81 -32.72
N PRO A 132 -4.80 -6.54 -33.16
CA PRO A 132 -4.38 -6.22 -34.53
C PRO A 132 -2.88 -6.42 -34.73
N ASN A 133 -2.54 -7.06 -35.86
CA ASN A 133 -1.18 -7.48 -36.18
C ASN A 133 -0.60 -6.50 -37.19
N VAL A 134 0.41 -5.72 -36.77
CA VAL A 134 0.99 -4.72 -37.67
C VAL A 134 1.96 -5.33 -38.68
N LYS A 135 2.26 -6.63 -38.58
CA LYS A 135 2.99 -7.36 -39.62
C LYS A 135 2.07 -8.11 -40.59
N HIS A 136 0.75 -7.87 -40.51
CA HIS A 136 -0.23 -8.61 -41.31
C HIS A 136 -1.40 -7.75 -41.77
N GLY A 137 -1.23 -6.43 -41.84
CA GLY A 137 -2.29 -5.54 -42.29
C GLY A 137 -3.32 -5.17 -41.25
N GLY A 138 -2.99 -5.27 -39.96
CA GLY A 138 -3.97 -5.08 -38.91
C GLY A 138 -4.84 -6.30 -38.62
N GLN A 139 -4.42 -7.49 -39.05
CA GLN A 139 -5.22 -8.71 -38.93
C GLN A 139 -5.12 -9.31 -37.53
N ALA A 140 -6.26 -9.41 -36.84
CA ALA A 140 -6.27 -10.03 -35.52
C ALA A 140 -5.65 -11.43 -35.58
N PHE A 141 -4.56 -11.62 -34.83
CA PHE A 141 -3.83 -12.89 -34.82
C PHE A 141 -4.74 -14.12 -34.73
N GLY A 142 -5.98 -13.94 -34.28
CA GLY A 142 -6.91 -15.01 -33.97
C GLY A 142 -7.95 -15.30 -35.02
N THR A 143 -7.89 -14.63 -36.17
CA THR A 143 -8.80 -14.93 -37.25
C THR A 143 -8.18 -15.84 -38.31
N ASP A 144 -6.88 -16.11 -38.22
CA ASP A 144 -6.20 -16.97 -39.18
C ASP A 144 -5.48 -18.12 -38.48
N PRO A 145 -5.87 -19.37 -38.74
CA PRO A 145 -5.28 -20.50 -37.99
C PRO A 145 -3.77 -20.58 -38.09
N ASP A 146 -3.19 -20.28 -39.25
CA ASP A 146 -1.75 -20.40 -39.39
C ASP A 146 -1.01 -19.30 -38.62
N VAL A 147 -1.50 -18.05 -38.72
CA VAL A 147 -0.93 -16.98 -37.91
C VAL A 147 -1.00 -17.35 -36.44
N ALA A 148 -2.19 -17.76 -36.00
CA ALA A 148 -2.42 -18.07 -34.59
C ALA A 148 -1.51 -19.21 -34.12
N ALA A 149 -1.41 -20.27 -34.93
CA ALA A 149 -0.56 -21.40 -34.56
C ALA A 149 0.90 -20.99 -34.45
N ALA A 150 1.35 -20.13 -35.36
CA ALA A 150 2.71 -19.64 -35.29
C ALA A 150 2.95 -18.87 -33.99
N LEU A 151 2.04 -17.93 -33.68
CA LEU A 151 2.18 -17.15 -32.45
C LEU A 151 2.22 -18.06 -31.23
N VAL A 152 1.29 -19.02 -31.15
CA VAL A 152 1.24 -19.93 -30.00
C VAL A 152 2.55 -20.70 -29.87
N LYS A 153 3.03 -21.26 -30.98
CA LYS A 153 4.22 -22.10 -30.89
C LYS A 153 5.42 -21.28 -30.48
N ALA A 154 5.55 -20.07 -31.02
CA ALA A 154 6.61 -19.17 -30.59
C ALA A 154 6.55 -18.86 -29.09
N CYS A 155 5.38 -18.46 -28.58
CA CYS A 155 5.27 -18.17 -27.16
C CYS A 155 5.44 -19.42 -26.33
N LYS A 156 4.98 -20.57 -26.86
CA LYS A 156 5.12 -21.84 -26.15
C LYS A 156 6.59 -22.14 -25.88
N ALA A 157 7.47 -21.69 -26.77
CA ALA A 157 8.91 -21.95 -26.66
C ALA A 157 9.54 -21.29 -25.45
N VAL A 158 8.95 -20.23 -24.89
CA VAL A 158 9.58 -19.47 -23.81
C VAL A 158 8.77 -19.47 -22.51
N SER A 159 7.59 -20.07 -22.47
CA SER A 159 6.77 -19.96 -21.27
C SER A 159 7.20 -20.96 -20.20
N LYS A 160 7.44 -20.46 -19.01
CA LYS A 160 7.69 -21.38 -17.91
C LYS A 160 6.40 -21.83 -17.22
N VAL A 161 5.23 -21.41 -17.70
CA VAL A 161 3.94 -21.81 -17.15
C VAL A 161 3.04 -22.26 -18.30
N PRO A 162 2.00 -23.05 -18.00
CA PRO A 162 1.06 -23.47 -19.05
C PRO A 162 0.44 -22.29 -19.79
N LEU A 163 0.21 -22.49 -21.09
CA LEU A 163 -0.25 -21.43 -21.97
C LEU A 163 -1.68 -21.70 -22.43
N TYR A 164 -2.60 -20.83 -22.04
CA TYR A 164 -3.98 -20.85 -22.54
C TYR A 164 -4.16 -19.76 -23.60
N VAL A 165 -5.08 -20.01 -24.53
CA VAL A 165 -5.35 -19.08 -25.62
C VAL A 165 -6.80 -18.62 -25.54
N LYS A 166 -7.01 -17.31 -25.56
CA LYS A 166 -8.34 -16.71 -25.51
C LYS A 166 -8.85 -16.50 -26.92
N LEU A 167 -9.96 -17.16 -27.27
CA LEU A 167 -10.42 -17.15 -28.64
C LEU A 167 -11.44 -16.02 -28.85
N SER A 168 -11.43 -15.44 -30.09
CA SER A 168 -12.37 -14.37 -30.44
C SER A 168 -13.60 -14.93 -31.13
N PRO A 169 -14.80 -14.42 -30.82
CA PRO A 169 -16.01 -14.91 -31.49
C PRO A 169 -16.22 -14.32 -32.87
N ASN A 170 -15.38 -13.38 -33.31
CA ASN A 170 -15.66 -12.68 -34.56
C ASN A 170 -15.08 -13.41 -35.78
N VAL A 171 -15.45 -14.68 -35.96
CA VAL A 171 -14.94 -15.51 -37.04
C VAL A 171 -16.09 -16.26 -37.69
N THR A 172 -15.91 -16.58 -38.97
CA THR A 172 -16.88 -17.40 -39.67
C THR A 172 -16.92 -18.81 -39.09
N ASP A 173 -15.77 -19.40 -38.80
CA ASP A 173 -15.67 -20.77 -38.30
C ASP A 173 -14.55 -20.82 -37.28
N ILE A 174 -14.91 -21.08 -36.02
CA ILE A 174 -13.91 -21.03 -34.96
C ILE A 174 -13.15 -22.35 -34.84
N VAL A 175 -13.60 -23.40 -35.52
CA VAL A 175 -13.07 -24.74 -35.35
C VAL A 175 -11.65 -24.84 -35.90
N PRO A 176 -11.36 -24.36 -37.12
CA PRO A 176 -9.95 -24.39 -37.57
C PRO A 176 -8.98 -23.69 -36.63
N ILE A 177 -9.34 -22.49 -36.16
CA ILE A 177 -8.44 -21.76 -35.26
C ILE A 177 -8.23 -22.53 -33.97
N ALA A 178 -9.31 -23.13 -33.43
CA ALA A 178 -9.16 -23.86 -32.18
C ALA A 178 -8.28 -25.09 -32.38
N LYS A 179 -8.50 -25.85 -33.45
CA LYS A 179 -7.69 -27.03 -33.73
C LYS A 179 -6.22 -26.67 -33.88
N ALA A 180 -5.94 -25.67 -34.72
CA ALA A 180 -4.55 -25.25 -34.97
C ALA A 180 -3.82 -24.85 -33.70
N VAL A 181 -4.53 -24.18 -32.77
CA VAL A 181 -3.87 -23.66 -31.57
C VAL A 181 -3.58 -24.79 -30.58
N GLU A 182 -4.49 -25.76 -30.47
CA GLU A 182 -4.19 -26.95 -29.69
C GLU A 182 -2.99 -27.70 -30.25
N ALA A 183 -2.93 -27.84 -31.57
CA ALA A 183 -1.81 -28.52 -32.22
C ALA A 183 -0.49 -27.79 -31.98
N ALA A 184 -0.53 -26.48 -31.78
CA ALA A 184 0.69 -25.71 -31.58
C ALA A 184 1.18 -25.77 -30.14
N GLY A 185 0.46 -26.48 -29.27
CA GLY A 185 0.89 -26.75 -27.92
C GLY A 185 0.10 -26.06 -26.83
N ALA A 186 -1.02 -25.42 -27.15
CA ALA A 186 -1.82 -24.76 -26.12
C ALA A 186 -2.29 -25.78 -25.10
N ASP A 187 -2.07 -25.47 -23.82
CA ASP A 187 -2.51 -26.30 -22.70
C ASP A 187 -3.99 -26.18 -22.42
N GLY A 188 -4.61 -25.09 -22.86
CA GLY A 188 -6.03 -24.85 -22.63
C GLY A 188 -6.48 -23.64 -23.42
N LEU A 189 -7.79 -23.40 -23.35
CA LEU A 189 -8.42 -22.29 -24.04
C LEU A 189 -9.31 -21.53 -23.08
N THR A 190 -9.50 -20.26 -23.37
CA THR A 190 -10.53 -19.48 -22.73
C THR A 190 -11.36 -18.83 -23.82
N MET A 191 -12.66 -18.79 -23.61
CA MET A 191 -13.54 -18.22 -24.60
C MET A 191 -14.86 -17.84 -23.93
N ILE A 192 -15.45 -16.73 -24.35
CA ILE A 192 -14.98 -15.94 -25.49
C ILE A 192 -14.55 -14.54 -25.08
N ASN A 193 -13.78 -13.90 -25.97
CA ASN A 193 -13.58 -12.46 -25.93
C ASN A 193 -14.86 -11.77 -26.47
N THR A 194 -14.84 -10.45 -26.63
CA THR A 194 -16.02 -9.68 -26.98
C THR A 194 -16.39 -9.76 -28.47
N LEU A 195 -17.67 -9.52 -28.73
CA LEU A 195 -18.17 -9.24 -30.08
C LEU A 195 -17.94 -7.77 -30.41
N MET A 196 -18.16 -7.39 -31.65
CA MET A 196 -17.98 -5.99 -32.03
C MET A 196 -19.33 -5.30 -32.17
N GLY A 197 -19.44 -4.10 -31.61
CA GLY A 197 -20.68 -3.35 -31.63
C GLY A 197 -20.41 -1.87 -31.79
N VAL A 198 -21.47 -1.14 -32.13
CA VAL A 198 -21.42 0.30 -32.30
C VAL A 198 -22.70 0.92 -31.74
N ARG A 199 -22.57 2.06 -31.08
CA ARG A 199 -23.72 2.89 -30.75
C ARG A 199 -23.57 4.28 -31.36
N PHE A 200 -24.70 4.88 -31.76
CA PHE A 200 -24.70 6.25 -32.26
C PHE A 200 -25.43 7.16 -31.30
N ASP A 201 -24.90 8.37 -31.12
CA ASP A 201 -25.55 9.41 -30.35
C ASP A 201 -26.51 10.15 -31.29
N LEU A 202 -27.77 10.21 -30.91
CA LEU A 202 -28.77 10.74 -31.84
C LEU A 202 -28.60 12.24 -32.05
N LYS A 203 -28.05 12.95 -31.06
CA LYS A 203 -27.84 14.40 -31.20
C LYS A 203 -26.65 14.71 -32.09
N THR A 204 -25.50 14.11 -31.84
CA THR A 204 -24.32 14.42 -32.66
C THR A 204 -24.30 13.65 -33.98
N ARG A 205 -25.12 12.60 -34.11
CA ARG A 205 -25.14 11.70 -35.25
C ARG A 205 -23.80 10.98 -35.46
N LYS A 206 -22.93 11.02 -34.48
CA LYS A 206 -21.66 10.33 -34.53
C LYS A 206 -21.62 9.19 -33.52
N PRO A 207 -20.72 8.22 -33.71
CA PRO A 207 -20.58 7.12 -32.75
C PRO A 207 -20.36 7.61 -31.33
N VAL A 208 -20.90 6.84 -30.37
CA VAL A 208 -20.68 7.16 -28.96
C VAL A 208 -19.21 6.95 -28.58
N LEU A 209 -18.61 5.86 -29.05
CA LEU A 209 -17.21 5.57 -28.76
C LEU A 209 -16.30 6.34 -29.69
N ALA A 210 -15.23 6.92 -29.11
CA ALA A 210 -14.20 7.56 -29.90
C ALA A 210 -13.59 6.55 -30.87
N ASN A 211 -13.43 5.31 -30.45
CA ASN A 211 -12.95 4.26 -31.33
C ASN A 211 -14.01 3.81 -32.35
N ILE A 212 -15.20 4.41 -32.36
CA ILE A 212 -16.33 4.04 -33.21
C ILE A 212 -16.84 2.66 -32.81
N THR A 213 -16.09 1.61 -33.10
CA THR A 213 -16.47 0.26 -32.71
C THR A 213 -15.99 -0.03 -31.29
N GLY A 214 -16.67 -0.96 -30.63
CA GLY A 214 -16.25 -1.42 -29.32
C GLY A 214 -16.59 -2.88 -29.13
N GLY A 215 -16.02 -3.45 -28.06
CA GLY A 215 -16.28 -4.83 -27.73
C GLY A 215 -17.59 -4.96 -26.97
N LEU A 216 -18.43 -5.90 -27.40
CA LEU A 216 -19.74 -6.10 -26.81
C LEU A 216 -19.67 -7.27 -25.83
N SER A 217 -20.00 -7.01 -24.57
CA SER A 217 -19.94 -7.99 -23.49
C SER A 217 -21.23 -7.93 -22.71
N GLY A 218 -21.37 -8.88 -21.79
CA GLY A 218 -22.51 -8.91 -20.92
C GLY A 218 -23.43 -10.07 -21.24
N PRO A 219 -24.52 -10.19 -20.48
CA PRO A 219 -25.47 -11.31 -20.69
C PRO A 219 -26.02 -11.40 -22.10
N ALA A 220 -26.12 -10.27 -22.79
CA ALA A 220 -26.52 -10.29 -24.19
C ALA A 220 -25.71 -11.28 -25.01
N ILE A 221 -24.43 -11.50 -24.68
CA ILE A 221 -23.57 -12.34 -25.53
C ILE A 221 -23.46 -13.77 -25.02
N LYS A 222 -24.08 -14.10 -23.88
CA LYS A 222 -24.01 -15.47 -23.39
C LYS A 222 -24.47 -16.52 -24.39
N PRO A 223 -25.57 -16.36 -25.14
CA PRO A 223 -25.95 -17.41 -26.09
C PRO A 223 -24.89 -17.65 -27.15
N VAL A 224 -24.18 -16.59 -27.55
CA VAL A 224 -23.12 -16.77 -28.54
C VAL A 224 -21.94 -17.48 -27.91
N ALA A 225 -21.60 -17.12 -26.68
CA ALA A 225 -20.52 -17.75 -25.96
C ALA A 225 -20.77 -19.25 -25.79
N LEU A 226 -21.97 -19.62 -25.31
CA LEU A 226 -22.31 -21.04 -25.14
C LEU A 226 -22.23 -21.79 -26.46
N LYS A 227 -22.74 -21.18 -27.55
CA LYS A 227 -22.65 -21.81 -28.86
C LYS A 227 -21.19 -22.10 -29.23
N LEU A 228 -20.30 -21.13 -29.07
CA LEU A 228 -18.93 -21.34 -29.51
C LEU A 228 -18.17 -22.30 -28.58
N ILE A 229 -18.41 -22.19 -27.27
CA ILE A 229 -17.78 -23.13 -26.33
C ILE A 229 -18.22 -24.55 -26.64
N HIS A 230 -19.52 -24.76 -26.80
CA HIS A 230 -20.04 -26.07 -27.19
C HIS A 230 -19.42 -26.55 -28.49
N GLN A 231 -19.39 -25.69 -29.50
CA GLN A 231 -18.79 -26.04 -30.78
C GLN A 231 -17.33 -26.46 -30.62
N VAL A 232 -16.55 -25.72 -29.84
CA VAL A 232 -15.12 -26.00 -29.74
C VAL A 232 -14.87 -27.28 -28.91
N ALA A 233 -15.71 -27.53 -27.89
CA ALA A 233 -15.52 -28.64 -26.98
C ALA A 233 -15.64 -29.97 -27.69
N GLN A 234 -16.36 -30.03 -28.82
CA GLN A 234 -16.46 -31.27 -29.59
C GLN A 234 -15.22 -31.54 -30.44
N VAL A 235 -14.23 -30.65 -30.42
CA VAL A 235 -13.18 -30.64 -31.44
C VAL A 235 -11.78 -30.58 -30.82
N VAL A 236 -11.69 -30.34 -29.50
CA VAL A 236 -10.42 -30.30 -28.80
C VAL A 236 -10.53 -31.10 -27.50
N ASP A 237 -9.39 -31.54 -26.97
CA ASP A 237 -9.39 -32.28 -25.72
C ASP A 237 -8.77 -31.52 -24.57
N ILE A 238 -8.20 -30.34 -24.82
CA ILE A 238 -7.70 -29.46 -23.78
C ILE A 238 -8.86 -28.73 -23.11
N PRO A 239 -8.75 -28.38 -21.84
CA PRO A 239 -9.90 -27.77 -21.15
C PRO A 239 -10.15 -26.32 -21.58
N ILE A 240 -11.36 -25.84 -21.23
CA ILE A 240 -11.83 -24.51 -21.62
C ILE A 240 -12.33 -23.78 -20.39
N ILE A 241 -11.84 -22.56 -20.18
CA ILE A 241 -12.45 -21.62 -19.23
C ILE A 241 -13.45 -20.79 -20.01
N GLY A 242 -14.73 -20.98 -19.72
CA GLY A 242 -15.80 -20.30 -20.43
C GLY A 242 -16.16 -18.96 -19.80
N MET A 243 -16.50 -17.99 -20.67
CA MET A 243 -16.92 -16.68 -20.21
C MET A 243 -17.74 -16.00 -21.32
N GLY A 244 -18.55 -15.03 -20.91
CA GLY A 244 -19.43 -14.27 -21.75
C GLY A 244 -20.82 -14.13 -21.16
N GLY A 245 -21.07 -13.03 -20.47
CA GLY A 245 -22.39 -12.80 -19.95
C GLY A 245 -22.72 -13.55 -18.67
N VAL A 246 -21.75 -14.20 -18.04
CA VAL A 246 -22.03 -14.93 -16.82
C VAL A 246 -22.40 -13.96 -15.70
N GLU A 247 -23.48 -14.28 -15.00
CA GLU A 247 -24.04 -13.43 -13.96
C GLU A 247 -24.47 -14.20 -12.73
N SER A 248 -24.65 -15.52 -12.82
CA SER A 248 -25.27 -16.29 -11.76
C SER A 248 -24.67 -17.69 -11.71
N ALA A 249 -24.88 -18.36 -10.58
CA ALA A 249 -24.47 -19.76 -10.47
C ALA A 249 -25.15 -20.63 -11.54
N GLN A 250 -26.41 -20.32 -11.88
CA GLN A 250 -27.08 -20.93 -13.02
C GLN A 250 -26.23 -20.80 -14.28
N ASP A 251 -25.78 -19.58 -14.59
CA ASP A 251 -24.92 -19.35 -15.77
C ASP A 251 -23.65 -20.17 -15.71
N VAL A 252 -23.04 -20.27 -14.52
CA VAL A 252 -21.85 -21.10 -14.35
C VAL A 252 -22.14 -22.53 -14.77
N LEU A 253 -23.20 -23.12 -14.20
CA LEU A 253 -23.55 -24.48 -14.55
C LEU A 253 -23.85 -24.63 -16.03
N GLU A 254 -24.53 -23.63 -16.61
CA GLU A 254 -24.80 -23.71 -18.04
C GLU A 254 -23.51 -23.73 -18.84
N MET A 255 -22.51 -22.95 -18.41
CA MET A 255 -21.18 -23.06 -19.00
C MET A 255 -20.64 -24.49 -18.92
N TYR A 256 -20.90 -25.19 -17.81
CA TYR A 256 -20.40 -26.56 -17.69
C TYR A 256 -21.09 -27.48 -18.69
N MET A 257 -22.42 -27.35 -18.82
CA MET A 257 -23.18 -28.12 -19.83
C MET A 257 -22.61 -27.90 -21.23
N ALA A 258 -22.03 -26.72 -21.50
CA ALA A 258 -21.42 -26.44 -22.79
C ALA A 258 -20.04 -27.08 -22.94
N GLY A 259 -19.37 -27.41 -21.83
CA GLY A 259 -18.07 -28.04 -21.89
C GLY A 259 -16.95 -27.26 -21.23
N ALA A 260 -17.27 -26.21 -20.47
CA ALA A 260 -16.24 -25.47 -19.76
C ALA A 260 -15.82 -26.21 -18.48
N SER A 261 -14.58 -25.97 -18.05
CA SER A 261 -14.12 -26.52 -16.78
C SER A 261 -14.01 -25.49 -15.66
N ALA A 262 -13.99 -24.20 -16.01
CA ALA A 262 -14.07 -23.11 -15.04
C ALA A 262 -14.69 -21.95 -15.80
N VAL A 263 -15.11 -20.93 -15.07
CA VAL A 263 -15.95 -19.89 -15.62
C VAL A 263 -15.40 -18.53 -15.21
N ALA A 264 -15.11 -17.66 -16.18
CA ALA A 264 -14.70 -16.29 -15.88
C ALA A 264 -15.90 -15.33 -15.90
N VAL A 265 -15.83 -14.31 -15.05
CA VAL A 265 -16.94 -13.38 -14.83
C VAL A 265 -16.43 -11.95 -15.03
N GLY A 266 -16.95 -11.27 -16.06
CA GLY A 266 -16.44 -9.96 -16.44
C GLY A 266 -17.35 -8.79 -16.13
N THR A 267 -18.23 -8.46 -17.07
CA THR A 267 -19.07 -7.26 -16.98
C THR A 267 -19.95 -7.25 -15.72
N ALA A 268 -20.38 -8.40 -15.23
CA ALA A 268 -21.24 -8.46 -14.05
C ALA A 268 -20.61 -7.77 -12.83
N ASN A 269 -19.27 -7.72 -12.75
CA ASN A 269 -18.62 -7.05 -11.63
C ASN A 269 -18.97 -5.57 -11.58
N PHE A 270 -19.26 -4.95 -12.72
CA PHE A 270 -19.55 -3.51 -12.74
C PHE A 270 -20.93 -3.19 -12.21
N ALA A 271 -21.88 -4.09 -12.42
CA ALA A 271 -23.21 -3.91 -11.86
C ALA A 271 -23.22 -4.30 -10.39
N ASP A 272 -22.53 -5.38 -10.06
CA ASP A 272 -22.51 -5.91 -8.71
C ASP A 272 -21.08 -6.29 -8.33
N PRO A 273 -20.42 -5.50 -7.48
CA PRO A 273 -19.02 -5.81 -7.11
C PRO A 273 -18.88 -7.10 -6.37
N PHE A 274 -19.96 -7.57 -5.75
CA PHE A 274 -19.95 -8.80 -4.98
C PHE A 274 -20.37 -10.02 -5.80
N VAL A 275 -20.48 -9.89 -7.13
CA VAL A 275 -21.12 -10.95 -7.89
C VAL A 275 -20.31 -12.23 -7.82
N CYS A 276 -18.98 -12.11 -7.84
CA CYS A 276 -18.16 -13.32 -7.83
C CYS A 276 -18.26 -14.05 -6.50
N PRO A 277 -18.14 -13.41 -5.34
CA PRO A 277 -18.37 -14.17 -4.09
C PRO A 277 -19.82 -14.66 -3.95
N LYS A 278 -20.81 -13.85 -4.38
CA LYS A 278 -22.20 -14.28 -4.32
C LYS A 278 -22.43 -15.56 -5.13
N ILE A 279 -21.85 -15.63 -6.33
CA ILE A 279 -21.99 -16.82 -7.16
C ILE A 279 -21.33 -18.02 -6.48
N ILE A 280 -20.16 -17.80 -5.88
CA ILE A 280 -19.41 -18.87 -5.23
C ILE A 280 -20.22 -19.46 -4.11
N GLU A 281 -20.92 -18.63 -3.34
CA GLU A 281 -21.66 -19.17 -2.21
C GLU A 281 -23.00 -19.78 -2.60
N LYS A 282 -23.60 -19.36 -3.70
CA LYS A 282 -24.87 -19.97 -4.10
C LYS A 282 -24.68 -21.14 -5.04
N LEU A 283 -23.45 -21.41 -5.48
CA LEU A 283 -23.22 -22.58 -6.31
C LEU A 283 -23.67 -23.91 -5.67
N PRO A 284 -23.39 -24.19 -4.40
CA PRO A 284 -23.80 -25.50 -3.86
C PRO A 284 -25.31 -25.67 -3.77
N GLU A 285 -26.04 -24.66 -3.31
CA GLU A 285 -27.50 -24.71 -3.34
C GLU A 285 -28.03 -24.98 -4.75
N VAL A 286 -27.49 -24.26 -5.74
CA VAL A 286 -27.98 -24.40 -7.12
C VAL A 286 -27.59 -25.77 -7.70
N MET A 287 -26.39 -26.27 -7.36
CA MET A 287 -26.01 -27.62 -7.78
C MET A 287 -26.92 -28.67 -7.15
N ASP A 288 -27.31 -28.47 -5.89
CA ASP A 288 -28.27 -29.37 -5.29
C ASP A 288 -29.56 -29.39 -6.10
N GLN A 289 -30.11 -28.22 -6.36
CA GLN A 289 -31.33 -28.09 -7.14
C GLN A 289 -31.33 -28.93 -8.42
N TYR A 290 -30.17 -29.09 -9.08
CA TYR A 290 -30.11 -29.84 -10.33
C TYR A 290 -29.29 -31.12 -10.20
N GLY A 291 -29.20 -31.64 -8.97
CA GLY A 291 -28.60 -32.94 -8.68
C GLY A 291 -27.18 -33.15 -9.17
N ILE A 292 -26.31 -32.18 -8.93
CA ILE A 292 -24.90 -32.24 -9.31
C ILE A 292 -24.11 -32.33 -8.03
N ASP A 293 -23.34 -33.42 -7.87
CA ASP A 293 -22.60 -33.63 -6.64
C ASP A 293 -21.35 -32.75 -6.58
N SER A 294 -20.52 -32.77 -7.63
CA SER A 294 -19.29 -32.00 -7.66
C SER A 294 -19.07 -31.43 -9.06
N LEU A 295 -18.34 -30.32 -9.13
CA LEU A 295 -18.00 -29.76 -10.44
C LEU A 295 -17.03 -30.64 -11.21
N GLU A 296 -16.08 -31.30 -10.51
CA GLU A 296 -15.15 -32.21 -11.20
C GLU A 296 -15.88 -33.37 -11.88
N ASN A 297 -16.85 -33.99 -11.18
CA ASN A 297 -17.66 -35.04 -11.80
C ASN A 297 -18.40 -34.51 -13.02
N LEU A 298 -19.07 -33.37 -12.86
CA LEU A 298 -19.86 -32.78 -13.94
C LEU A 298 -19.02 -32.62 -15.20
N ILE A 299 -17.77 -32.19 -15.04
CA ILE A 299 -16.84 -32.04 -16.17
C ILE A 299 -16.66 -33.36 -16.89
N GLN A 300 -16.47 -34.46 -16.14
CA GLN A 300 -16.23 -35.74 -16.78
C GLN A 300 -17.51 -36.31 -17.40
N GLU A 301 -18.65 -36.18 -16.70
CA GLU A 301 -19.95 -36.60 -17.24
C GLU A 301 -20.25 -35.89 -18.57
N VAL A 302 -20.02 -34.56 -18.62
CA VAL A 302 -20.25 -33.81 -19.85
C VAL A 302 -19.23 -34.21 -20.91
N LYS A 303 -17.97 -34.40 -20.50
CA LYS A 303 -16.94 -34.79 -21.46
C LYS A 303 -17.27 -36.13 -22.09
N ASN A 304 -17.97 -37.00 -21.37
CA ASN A 304 -18.41 -38.29 -21.88
C ASN A 304 -19.78 -38.25 -22.52
N SER A 305 -20.46 -37.12 -22.47
CA SER A 305 -21.82 -36.94 -23.00
C SER A 305 -22.07 -37.21 -24.52
N LYS A 306 -21.16 -36.88 -25.43
CA LYS A 306 -19.81 -36.38 -25.19
C LYS A 306 -19.66 -34.91 -25.59
N MET B 1 -15.73 -2.60 8.18
CA MET B 1 -16.60 -1.57 8.76
C MET B 1 -17.38 -0.69 7.74
N PRO B 2 -16.75 -0.22 6.65
CA PRO B 2 -17.52 0.52 5.63
C PRO B 2 -18.49 -0.38 4.90
N LYS B 3 -19.65 0.21 4.53
CA LYS B 3 -20.77 -0.54 3.96
C LYS B 3 -20.62 -0.80 2.46
N LEU B 4 -20.06 0.16 1.72
CA LEU B 4 -19.74 0.02 0.30
C LEU B 4 -20.97 0.01 -0.61
N GLN B 5 -22.00 -0.72 -0.22
CA GLN B 5 -23.20 -0.88 -1.04
C GLN B 5 -24.41 -1.01 -0.12
N GLU B 6 -25.56 -0.50 -0.57
CA GLU B 6 -26.75 -0.56 0.27
C GLU B 6 -28.00 -0.34 -0.56
N MET B 7 -29.01 -1.16 -0.31
CA MET B 7 -30.36 -0.93 -0.82
C MET B 7 -30.96 0.15 0.04
N MET B 8 -30.80 1.39 -0.41
CA MET B 8 -31.36 2.53 0.30
C MET B 8 -32.86 2.62 0.03
N THR B 9 -33.54 3.43 0.83
CA THR B 9 -34.97 3.68 0.67
C THR B 9 -35.15 5.09 0.14
N ILE B 10 -35.91 5.24 -0.94
CA ILE B 10 -36.18 6.59 -1.40
C ILE B 10 -37.25 7.15 -0.49
N VAL B 11 -36.94 8.26 0.18
CA VAL B 11 -37.86 8.89 1.11
C VAL B 11 -38.95 9.62 0.33
N SER B 12 -38.53 10.46 -0.59
CA SER B 12 -39.42 11.17 -1.49
C SER B 12 -38.71 11.34 -2.81
N GLN B 13 -39.47 11.79 -3.81
CA GLN B 13 -38.89 12.13 -5.09
C GLN B 13 -39.90 13.02 -5.80
N ARG B 14 -39.47 14.19 -6.25
CA ARG B 14 -40.38 15.07 -6.97
C ARG B 14 -39.63 15.86 -8.04
N GLU B 15 -40.35 16.20 -9.11
CA GLU B 15 -39.78 16.95 -10.22
C GLU B 15 -39.71 18.43 -9.83
N VAL B 16 -38.49 18.91 -9.54
CA VAL B 16 -38.27 20.27 -9.08
C VAL B 16 -37.91 21.23 -10.22
N ALA B 17 -37.64 20.71 -11.41
CA ALA B 17 -37.46 21.55 -12.59
C ALA B 17 -37.67 20.66 -13.80
N SER B 18 -37.70 21.27 -14.98
CA SER B 18 -38.02 20.52 -16.20
C SER B 18 -37.09 19.32 -16.37
N ASN B 19 -37.62 18.12 -16.10
CA ASN B 19 -36.90 16.84 -16.22
C ASN B 19 -35.77 16.71 -15.21
N ILE B 20 -35.87 17.39 -14.07
CA ILE B 20 -34.89 17.25 -13.00
C ILE B 20 -35.61 16.86 -11.72
N PHE B 21 -35.21 15.73 -11.17
CA PHE B 21 -35.84 15.16 -9.98
C PHE B 21 -34.96 15.29 -8.76
N GLU B 22 -35.57 15.60 -7.63
CA GLU B 22 -34.87 15.60 -6.36
C GLU B 22 -35.30 14.36 -5.60
N MET B 23 -34.34 13.49 -5.30
CA MET B 23 -34.60 12.29 -4.53
C MET B 23 -33.89 12.38 -3.19
N VAL B 24 -34.60 11.99 -2.13
CA VAL B 24 -34.03 11.84 -0.79
C VAL B 24 -33.89 10.35 -0.50
N LEU B 25 -32.69 9.95 -0.08
CA LEU B 25 -32.37 8.55 0.15
C LEU B 25 -32.02 8.37 1.61
N LYS B 26 -32.57 7.34 2.23
CA LYS B 26 -32.29 7.02 3.63
C LYS B 26 -31.53 5.71 3.70
N GLY B 27 -30.40 5.71 4.42
CA GLY B 27 -29.62 4.50 4.60
C GLY B 27 -28.42 4.77 5.50
N GLU B 28 -27.68 3.68 5.77
CA GLU B 28 -26.45 3.72 6.55
C GLU B 28 -25.26 4.24 5.76
N LEU B 29 -25.40 4.39 4.44
CA LEU B 29 -24.35 4.97 3.64
C LEU B 29 -24.11 6.43 4.00
N VAL B 30 -25.12 7.11 4.55
CA VAL B 30 -24.98 8.51 4.88
C VAL B 30 -23.94 8.73 5.98
N GLU B 31 -23.78 7.76 6.90
CA GLU B 31 -22.82 7.89 7.99
C GLU B 31 -21.39 7.90 7.52
N GLU B 32 -21.13 7.42 6.31
CA GLU B 32 -19.78 7.36 5.77
C GLU B 32 -19.41 8.59 4.98
N MET B 33 -20.33 9.51 4.78
CA MET B 33 -20.09 10.66 3.94
C MET B 33 -19.32 11.74 4.71
N ASP B 34 -18.40 12.41 4.02
CA ASP B 34 -17.55 13.41 4.63
C ASP B 34 -17.35 14.61 3.70
N LEU B 35 -16.49 14.47 2.70
CA LEU B 35 -16.23 15.60 1.82
C LEU B 35 -17.42 15.84 0.89
N PRO B 36 -17.78 17.09 0.63
CA PRO B 36 -18.69 17.35 -0.49
C PRO B 36 -18.04 16.93 -1.80
N GLY B 37 -18.87 16.60 -2.77
CA GLY B 37 -18.39 16.24 -4.09
C GLY B 37 -18.13 14.77 -4.32
N GLN B 38 -18.44 13.91 -3.35
CA GLN B 38 -18.49 12.48 -3.64
C GLN B 38 -19.76 12.15 -4.43
N PHE B 39 -19.84 10.91 -4.92
CA PHE B 39 -20.99 10.51 -5.72
C PHE B 39 -21.47 9.11 -5.33
N LEU B 40 -22.65 8.78 -5.85
CA LEU B 40 -23.30 7.49 -5.71
C LEU B 40 -23.39 6.82 -7.09
N HIS B 41 -23.28 5.50 -7.12
CA HIS B 41 -23.33 4.73 -8.36
C HIS B 41 -24.64 3.96 -8.32
N LEU B 42 -25.62 4.42 -9.09
CA LEU B 42 -27.00 3.97 -8.96
C LEU B 42 -27.34 2.91 -10.02
N ALA B 43 -27.87 1.78 -9.56
CA ALA B 43 -28.43 0.78 -10.48
C ALA B 43 -29.80 1.22 -10.96
N VAL B 44 -29.99 1.25 -12.28
CA VAL B 44 -31.29 1.54 -12.88
C VAL B 44 -32.25 0.38 -12.60
N PRO B 45 -33.50 0.64 -12.21
CA PRO B 45 -34.47 -0.47 -12.02
C PRO B 45 -34.99 -1.05 -13.33
N ASN B 46 -34.07 -1.56 -14.15
CA ASN B 46 -34.37 -2.15 -15.46
C ASN B 46 -33.23 -3.11 -15.77
N ALA B 47 -33.52 -4.42 -15.83
CA ALA B 47 -32.49 -5.46 -15.89
C ALA B 47 -31.74 -5.51 -17.21
N SER B 48 -32.17 -4.73 -18.21
CA SER B 48 -31.46 -4.64 -19.48
C SER B 48 -30.44 -3.50 -19.49
N MET B 49 -30.35 -2.73 -18.41
CA MET B 49 -29.48 -1.56 -18.27
C MET B 49 -28.51 -1.80 -17.10
N LEU B 50 -27.36 -2.42 -17.40
CA LEU B 50 -26.49 -2.97 -16.35
C LEU B 50 -25.47 -1.99 -15.78
N LEU B 51 -25.18 -0.88 -16.45
CA LEU B 51 -24.23 0.07 -15.92
C LEU B 51 -24.90 1.01 -14.91
N ARG B 52 -24.24 1.23 -13.79
CA ARG B 52 -24.78 2.13 -12.79
C ARG B 52 -24.68 3.59 -13.24
N ARG B 53 -25.61 4.41 -12.74
CA ARG B 53 -25.66 5.81 -13.09
C ARG B 53 -24.93 6.61 -12.03
N PRO B 54 -23.87 7.34 -12.39
CA PRO B 54 -23.12 8.14 -11.40
C PRO B 54 -23.78 9.49 -11.18
N ILE B 55 -24.11 9.80 -9.92
CA ILE B 55 -24.89 10.98 -9.56
C ILE B 55 -24.28 11.62 -8.31
N SER B 56 -24.02 12.93 -8.38
CA SER B 56 -23.43 13.67 -7.26
C SER B 56 -24.35 13.70 -6.03
N ILE B 57 -23.76 13.55 -4.84
CA ILE B 57 -24.46 13.81 -3.59
C ILE B 57 -24.66 15.31 -3.45
N SER B 58 -25.91 15.74 -3.31
CA SER B 58 -26.12 17.19 -3.26
C SER B 58 -26.08 17.72 -1.83
N SER B 59 -26.63 16.96 -0.88
CA SER B 59 -26.58 17.31 0.53
C SER B 59 -26.90 16.06 1.33
N TRP B 60 -26.57 16.08 2.62
CA TRP B 60 -26.97 14.99 3.48
C TRP B 60 -27.29 15.50 4.88
N ASP B 61 -27.91 14.61 5.66
CA ASP B 61 -28.28 14.89 7.05
C ASP B 61 -27.94 13.64 7.86
N LYS B 62 -26.83 13.70 8.59
CA LYS B 62 -26.35 12.53 9.31
C LYS B 62 -27.37 12.05 10.35
N VAL B 63 -28.04 12.98 11.06
CA VAL B 63 -29.06 12.56 12.02
C VAL B 63 -30.25 11.92 11.30
N ALA B 64 -30.75 12.58 10.26
CA ALA B 64 -31.87 11.99 9.53
C ALA B 64 -31.50 10.69 8.81
N LYS B 65 -30.19 10.42 8.65
CA LYS B 65 -29.72 9.28 7.88
C LYS B 65 -30.17 9.39 6.40
N THR B 66 -30.21 10.63 5.89
CA THR B 66 -30.69 10.87 4.54
C THR B 66 -29.64 11.63 3.76
N CYS B 67 -29.58 11.34 2.46
CA CYS B 67 -28.88 12.18 1.52
C CYS B 67 -29.85 12.64 0.42
N THR B 68 -29.43 13.66 -0.31
CA THR B 68 -30.27 14.26 -1.33
C THR B 68 -29.46 14.33 -2.61
N ILE B 69 -30.10 13.94 -3.73
CA ILE B 69 -29.52 14.07 -5.06
C ILE B 69 -30.52 14.80 -5.96
N LEU B 70 -30.00 15.47 -6.99
CA LEU B 70 -30.81 16.12 -8.01
C LEU B 70 -30.24 15.68 -9.34
N TYR B 71 -31.07 15.05 -10.17
CA TYR B 71 -30.57 14.49 -11.43
C TYR B 71 -31.53 14.81 -12.57
N ARG B 72 -30.96 15.00 -13.75
CA ARG B 72 -31.73 15.21 -14.96
C ARG B 72 -32.02 13.87 -15.65
N ILE B 73 -33.23 13.73 -16.19
CA ILE B 73 -33.61 12.48 -16.86
C ILE B 73 -33.52 12.69 -18.37
N GLY B 74 -33.34 11.58 -19.09
CA GLY B 74 -33.39 11.57 -20.55
C GLY B 74 -34.78 11.26 -21.03
N ASP B 75 -34.87 10.69 -22.25
CA ASP B 75 -36.19 10.32 -22.77
C ASP B 75 -36.64 9.00 -22.16
N GLU B 76 -37.76 8.49 -22.67
CA GLU B 76 -38.37 7.29 -22.11
C GLU B 76 -37.53 6.03 -22.34
N THR B 77 -36.46 6.09 -23.15
CA THR B 77 -35.54 4.97 -23.29
C THR B 77 -34.35 5.06 -22.34
N SER B 78 -34.22 6.15 -21.60
CA SER B 78 -33.07 6.37 -20.70
C SER B 78 -33.29 5.67 -19.36
N GLY B 79 -32.19 5.42 -18.65
CA GLY B 79 -32.27 4.78 -17.34
C GLY B 79 -32.69 5.73 -16.23
N THR B 80 -32.22 6.99 -16.30
CA THR B 80 -32.63 7.99 -15.33
C THR B 80 -34.14 8.14 -15.32
N TYR B 81 -34.75 8.08 -16.51
CA TYR B 81 -36.20 8.09 -16.64
C TYR B 81 -36.82 6.96 -15.81
N GLU B 82 -36.25 5.76 -15.93
CA GLU B 82 -36.76 4.65 -15.13
C GLU B 82 -36.63 4.94 -13.64
N ILE B 83 -35.51 5.55 -13.25
CA ILE B 83 -35.27 5.85 -11.83
C ILE B 83 -36.33 6.80 -11.29
N SER B 84 -36.75 7.75 -12.12
CA SER B 84 -37.74 8.74 -11.72
C SER B 84 -39.12 8.13 -11.49
N LYS B 85 -39.37 6.92 -11.97
CA LYS B 85 -40.65 6.28 -11.69
C LYS B 85 -40.67 5.63 -10.32
N LEU B 86 -39.53 5.41 -9.69
CA LEU B 86 -39.50 4.90 -8.33
C LEU B 86 -40.30 5.83 -7.41
N GLN B 87 -41.06 5.22 -6.50
CA GLN B 87 -41.95 5.94 -5.62
C GLN B 87 -41.45 5.89 -4.18
N SER B 88 -41.92 6.85 -3.38
CA SER B 88 -41.67 6.88 -1.96
C SER B 88 -41.88 5.48 -1.36
N GLY B 89 -40.87 4.95 -0.70
CA GLY B 89 -40.92 3.63 -0.11
C GLY B 89 -40.13 2.58 -0.86
N ALA B 90 -39.89 2.77 -2.15
CA ALA B 90 -39.11 1.85 -2.95
C ALA B 90 -37.66 1.81 -2.49
N LYS B 91 -37.00 0.70 -2.81
CA LYS B 91 -35.57 0.57 -2.57
C LYS B 91 -34.80 0.89 -3.86
N ILE B 92 -33.60 1.45 -3.69
CA ILE B 92 -32.71 1.75 -4.82
C ILE B 92 -31.33 1.23 -4.47
N ASP B 93 -30.68 0.59 -5.46
CA ASP B 93 -29.40 -0.10 -5.28
C ASP B 93 -28.24 0.88 -5.43
N VAL B 94 -27.66 1.29 -4.30
CA VAL B 94 -26.61 2.30 -4.28
C VAL B 94 -25.27 1.65 -3.96
N MET B 95 -24.25 2.02 -4.71
CA MET B 95 -22.86 1.88 -4.27
C MET B 95 -22.39 3.25 -3.83
N GLY B 96 -21.68 3.30 -2.71
CA GLY B 96 -21.07 4.57 -2.35
C GLY B 96 -20.95 4.85 -0.87
N PRO B 97 -20.48 6.08 -0.54
CA PRO B 97 -20.09 7.16 -1.45
C PRO B 97 -18.72 6.93 -2.06
N LEU B 98 -18.45 7.54 -3.20
CA LEU B 98 -17.29 7.23 -4.02
C LEU B 98 -16.54 8.50 -4.38
N GLY B 99 -15.22 8.39 -4.51
CA GLY B 99 -14.42 9.40 -5.17
C GLY B 99 -13.75 10.35 -4.19
N ASN B 100 -12.84 11.15 -4.73
CA ASN B 100 -12.23 12.26 -4.01
C ASN B 100 -13.12 13.49 -4.16
N GLY B 101 -13.59 14.03 -3.03
CA GLY B 101 -14.47 15.17 -3.03
C GLY B 101 -13.75 16.51 -2.99
N PHE B 102 -14.53 17.55 -2.75
CA PHE B 102 -13.96 18.89 -2.53
C PHE B 102 -13.36 18.97 -1.13
N PRO B 103 -12.08 19.32 -1.00
CA PRO B 103 -11.48 19.52 0.33
C PRO B 103 -11.89 20.84 0.95
N VAL B 104 -12.17 20.81 2.26
CA VAL B 104 -12.57 22.04 2.95
C VAL B 104 -11.76 22.29 4.21
N ASP B 105 -11.01 21.28 4.67
CA ASP B 105 -10.26 21.36 5.93
C ASP B 105 -9.42 22.65 6.03
N GLU B 106 -8.70 23.01 4.95
CA GLU B 106 -7.81 24.17 4.93
C GLU B 106 -8.50 25.49 4.61
N VAL B 107 -9.82 25.52 4.58
CA VAL B 107 -10.52 26.79 4.44
C VAL B 107 -10.71 27.42 5.81
N VAL B 108 -10.43 28.71 5.91
CA VAL B 108 -10.53 29.43 7.17
C VAL B 108 -11.23 30.78 6.96
N SER B 109 -11.81 31.29 8.06
CA SER B 109 -12.69 32.46 8.04
C SER B 109 -12.15 33.63 7.23
N THR B 110 -10.82 33.81 7.18
CA THR B 110 -10.27 34.93 6.42
C THR B 110 -10.54 34.80 4.92
N ASP B 111 -10.51 33.56 4.40
CA ASP B 111 -10.46 33.33 2.95
C ASP B 111 -11.75 33.77 2.27
N LYS B 112 -11.63 34.30 1.05
CA LYS B 112 -12.83 34.57 0.27
C LYS B 112 -12.93 33.54 -0.85
N ILE B 113 -13.99 32.70 -0.77
CA ILE B 113 -14.24 31.54 -1.62
C ILE B 113 -15.16 31.94 -2.76
N LEU B 114 -14.80 31.53 -3.97
CA LEU B 114 -15.62 31.65 -5.17
C LEU B 114 -16.12 30.27 -5.56
N ILE B 115 -17.40 30.20 -5.97
CA ILE B 115 -18.03 28.95 -6.41
C ILE B 115 -18.71 29.23 -7.76
N VAL B 116 -18.38 28.43 -8.77
CA VAL B 116 -18.93 28.56 -10.12
C VAL B 116 -19.59 27.26 -10.54
N GLY B 117 -20.91 27.29 -10.73
CA GLY B 117 -21.64 26.10 -11.10
C GLY B 117 -22.48 26.34 -12.35
N GLY B 118 -22.74 25.24 -13.05
CA GLY B 118 -23.60 25.28 -14.21
C GLY B 118 -24.40 24.00 -14.35
N GLY B 119 -25.64 24.15 -14.84
CA GLY B 119 -26.49 23.01 -15.15
C GLY B 119 -26.64 22.00 -14.02
N ILE B 120 -26.41 20.73 -14.36
CA ILE B 120 -26.51 19.64 -13.38
C ILE B 120 -25.18 19.43 -12.66
N GLY B 121 -24.21 20.32 -12.90
CA GLY B 121 -23.05 20.40 -12.04
C GLY B 121 -23.31 21.08 -10.72
N VAL B 122 -24.46 21.73 -10.58
CA VAL B 122 -24.77 22.51 -9.38
C VAL B 122 -24.99 21.67 -8.12
N PRO B 123 -25.70 20.53 -8.15
CA PRO B 123 -26.09 19.82 -6.87
C PRO B 123 -24.94 19.63 -5.88
N PRO B 124 -23.77 19.11 -6.28
CA PRO B 124 -22.73 18.83 -5.26
C PRO B 124 -22.18 20.08 -4.59
N LEU B 125 -22.25 21.24 -5.26
CA LEU B 125 -21.84 22.53 -4.71
C LEU B 125 -22.71 22.98 -3.54
N TYR B 126 -23.95 22.48 -3.41
CA TYR B 126 -24.79 22.85 -2.27
C TYR B 126 -24.19 22.35 -0.96
N GLU B 127 -23.88 21.04 -0.88
CA GLU B 127 -23.26 20.53 0.33
C GLU B 127 -21.92 21.20 0.59
N LEU B 128 -21.23 21.62 -0.48
CA LEU B 128 -19.97 22.35 -0.32
C LEU B 128 -20.19 23.66 0.42
N ALA B 129 -21.10 24.50 -0.09
CA ALA B 129 -21.39 25.78 0.56
C ALA B 129 -21.90 25.55 1.98
N LYS B 130 -22.76 24.56 2.16
CA LYS B 130 -23.29 24.23 3.47
C LYS B 130 -22.17 24.02 4.49
N GLN B 131 -21.12 23.30 4.09
CA GLN B 131 -19.99 23.06 4.98
C GLN B 131 -19.11 24.29 5.14
N LEU B 132 -18.92 25.08 4.08
CA LEU B 132 -18.07 26.27 4.19
C LEU B 132 -18.69 27.34 5.05
N GLU B 133 -20.02 27.33 5.19
CA GLU B 133 -20.71 28.33 6.00
C GLU B 133 -20.30 28.20 7.46
N GLU B 134 -20.08 26.97 7.94
CA GLU B 134 -19.59 26.74 9.29
C GLU B 134 -18.20 27.34 9.51
N LYS B 135 -17.37 27.41 8.47
CA LYS B 135 -16.02 27.96 8.66
C LYS B 135 -16.02 29.48 8.64
N ASN B 136 -17.21 30.10 8.70
CA ASN B 136 -17.38 31.56 8.80
C ASN B 136 -16.60 32.32 7.73
N CYS B 137 -16.54 31.77 6.52
CA CYS B 137 -15.88 32.45 5.40
C CYS B 137 -16.94 33.04 4.48
N GLN B 138 -16.51 34.00 3.66
CA GLN B 138 -17.41 34.74 2.80
C GLN B 138 -17.33 34.22 1.37
N MET B 139 -18.47 33.74 0.86
CA MET B 139 -18.56 33.10 -0.44
C MET B 139 -19.33 33.96 -1.42
N THR B 140 -18.85 33.97 -2.66
CA THR B 140 -19.64 34.37 -3.83
C THR B 140 -19.96 33.11 -4.64
N ILE B 141 -21.22 32.94 -5.01
CA ILE B 141 -21.69 31.74 -5.70
C ILE B 141 -22.36 32.18 -7.01
N LEU B 142 -21.79 31.79 -8.13
CA LEU B 142 -22.29 32.15 -9.45
C LEU B 142 -22.80 30.88 -10.13
N LEU B 143 -24.09 30.87 -10.51
CA LEU B 143 -24.72 29.69 -11.11
C LEU B 143 -25.38 30.08 -12.42
N GLY B 144 -25.18 29.26 -13.44
CA GLY B 144 -25.72 29.53 -14.76
C GLY B 144 -26.52 28.34 -15.22
N PHE B 145 -27.56 28.62 -16.02
CA PHE B 145 -28.47 27.60 -16.53
C PHE B 145 -28.86 27.92 -17.96
N ALA B 146 -29.33 26.89 -18.68
CA ALA B 146 -29.83 27.13 -20.04
C ALA B 146 -31.05 28.03 -20.04
N SER B 147 -31.90 27.89 -19.02
CA SER B 147 -33.17 28.56 -19.01
C SER B 147 -33.68 28.58 -17.58
N GLU B 148 -34.65 29.46 -17.34
CA GLU B 148 -35.42 29.39 -16.11
C GLU B 148 -35.98 27.98 -15.94
N LYS B 149 -36.31 27.34 -17.07
CA LYS B 149 -36.93 26.01 -17.10
C LYS B 149 -36.09 24.95 -16.40
N VAL B 150 -34.78 25.18 -16.25
CA VAL B 150 -33.90 24.20 -15.60
C VAL B 150 -33.10 24.77 -14.44
N LYS B 151 -33.43 25.97 -13.97
CA LYS B 151 -32.83 26.49 -12.74
C LYS B 151 -33.13 25.58 -11.53
N ILE B 152 -32.13 25.34 -10.69
CA ILE B 152 -32.29 24.48 -9.52
C ILE B 152 -31.54 25.07 -8.33
N LEU B 153 -32.11 24.88 -7.13
CA LEU B 153 -31.47 25.12 -5.84
C LEU B 153 -31.23 26.60 -5.52
N GLU B 154 -31.85 27.52 -6.28
CA GLU B 154 -31.69 28.94 -5.97
C GLU B 154 -32.07 29.21 -4.51
N LYS B 155 -33.20 28.68 -4.07
CA LYS B 155 -33.72 28.99 -2.73
C LYS B 155 -32.80 28.46 -1.65
N GLU B 156 -32.29 27.22 -1.83
CA GLU B 156 -31.39 26.62 -0.84
C GLU B 156 -30.13 27.44 -0.69
N PHE B 157 -29.55 27.90 -1.80
CA PHE B 157 -28.33 28.70 -1.74
C PHE B 157 -28.62 30.07 -1.13
N ALA B 158 -29.80 30.61 -1.41
CA ALA B 158 -30.14 31.94 -0.93
C ALA B 158 -30.30 31.95 0.58
N GLU B 159 -30.83 30.90 1.15
CA GLU B 159 -30.98 30.79 2.58
C GLU B 159 -29.67 30.56 3.30
N LEU B 160 -28.52 30.60 2.61
CA LEU B 160 -27.23 30.45 3.26
C LEU B 160 -26.64 31.83 3.55
N LYS B 161 -26.21 32.02 4.81
CA LYS B 161 -25.55 33.26 5.20
C LYS B 161 -24.11 33.26 4.69
N ASN B 162 -23.54 34.47 4.60
CA ASN B 162 -22.18 34.71 4.09
C ASN B 162 -22.09 34.37 2.60
N VAL B 163 -23.18 34.61 1.87
CA VAL B 163 -23.26 34.17 0.48
C VAL B 163 -23.82 35.30 -0.35
N SER B 164 -23.05 35.73 -1.34
CA SER B 164 -23.57 36.50 -2.46
C SER B 164 -23.88 35.52 -3.59
N LEU B 165 -25.10 35.57 -4.11
CA LEU B 165 -25.55 34.63 -5.12
C LEU B 165 -26.02 35.43 -6.33
N LYS B 166 -25.37 35.20 -7.46
CA LYS B 166 -25.81 35.75 -8.72
C LYS B 166 -26.15 34.58 -9.64
N ILE B 167 -27.18 34.74 -10.47
CA ILE B 167 -27.68 33.66 -11.31
C ILE B 167 -27.85 34.15 -12.72
N ALA B 168 -27.30 33.40 -13.67
CA ALA B 168 -27.44 33.67 -15.09
C ALA B 168 -28.25 32.58 -15.78
N THR B 169 -28.88 32.96 -16.89
CA THR B 169 -29.54 32.04 -17.81
C THR B 169 -29.14 32.44 -19.23
N ASP B 170 -28.86 31.43 -20.06
CA ASP B 170 -28.38 31.68 -21.41
C ASP B 170 -29.38 32.50 -22.21
N ASP B 171 -30.67 32.30 -21.96
CA ASP B 171 -31.71 32.99 -22.72
C ASP B 171 -32.18 34.27 -22.05
N GLY B 172 -31.84 34.48 -20.77
CA GLY B 172 -32.26 35.67 -20.06
C GLY B 172 -33.58 35.53 -19.34
N SER B 173 -34.18 34.34 -19.37
CA SER B 173 -35.46 34.09 -18.72
C SER B 173 -35.41 34.38 -17.24
N TYR B 174 -34.22 34.37 -16.64
CA TYR B 174 -34.10 34.62 -15.21
C TYR B 174 -32.72 35.20 -14.90
N GLY B 175 -32.71 36.19 -14.00
CA GLY B 175 -31.46 36.82 -13.59
C GLY B 175 -30.72 37.41 -14.75
N THR B 176 -29.40 37.19 -14.78
CA THR B 176 -28.53 37.77 -15.81
C THR B 176 -28.54 36.95 -17.10
N LYS B 177 -28.78 37.62 -18.23
CA LYS B 177 -28.75 36.94 -19.53
C LYS B 177 -27.30 36.63 -19.92
N GLY B 178 -27.03 35.41 -20.31
CA GLY B 178 -25.70 34.97 -20.70
C GLY B 178 -25.24 33.78 -19.89
N HIS B 179 -23.93 33.52 -19.96
CA HIS B 179 -23.33 32.38 -19.27
C HIS B 179 -22.62 32.82 -18.00
N VAL B 180 -22.47 31.86 -17.07
CA VAL B 180 -21.72 32.11 -15.83
C VAL B 180 -20.39 32.80 -16.09
N GLY B 181 -19.65 32.34 -17.12
CA GLY B 181 -18.31 32.88 -17.37
C GLY B 181 -18.27 34.39 -17.42
N MET B 182 -19.35 35.01 -17.90
CA MET B 182 -19.47 36.46 -17.91
C MET B 182 -19.44 37.03 -16.51
N LEU B 183 -20.27 36.48 -15.62
CA LEU B 183 -20.26 36.93 -14.24
C LEU B 183 -18.90 36.69 -13.58
N MET B 184 -18.17 35.66 -14.02
CA MET B 184 -16.78 35.50 -13.56
C MET B 184 -15.92 36.69 -13.94
N GLU B 185 -15.96 37.09 -15.21
CA GLU B 185 -15.09 38.16 -15.67
C GLU B 185 -15.28 39.43 -14.86
N GLU B 186 -16.42 39.57 -14.20
CA GLU B 186 -16.72 40.76 -13.41
C GLU B 186 -16.22 40.67 -11.98
N ILE B 187 -15.54 39.57 -11.61
CA ILE B 187 -15.07 39.42 -10.24
C ILE B 187 -14.06 40.49 -9.89
N ASP B 188 -14.28 41.14 -8.75
CA ASP B 188 -13.46 42.24 -8.27
C ASP B 188 -12.83 41.97 -6.91
N PHE B 189 -12.26 40.79 -6.71
CA PHE B 189 -11.47 40.60 -5.51
C PHE B 189 -10.47 39.48 -5.74
N GLU B 190 -9.66 39.22 -4.73
CA GLU B 190 -8.66 38.16 -4.78
C GLU B 190 -9.21 36.92 -4.11
N VAL B 191 -9.51 35.90 -4.93
CA VAL B 191 -10.12 34.69 -4.43
C VAL B 191 -8.99 33.76 -4.01
N ASP B 192 -9.17 33.12 -2.86
CA ASP B 192 -8.16 32.24 -2.33
C ASP B 192 -8.40 30.77 -2.68
N ALA B 193 -9.64 30.41 -3.00
CA ALA B 193 -9.98 29.05 -3.39
C ALA B 193 -11.24 29.10 -4.24
N LEU B 194 -11.21 28.42 -5.38
CA LEU B 194 -12.32 28.37 -6.31
C LEU B 194 -12.76 26.92 -6.49
N TYR B 195 -14.05 26.65 -6.30
CA TYR B 195 -14.65 25.35 -6.52
C TYR B 195 -15.67 25.44 -7.67
N THR B 196 -15.54 24.57 -8.67
CA THR B 196 -16.35 24.67 -9.87
C THR B 196 -16.75 23.27 -10.38
N CYS B 197 -17.94 23.20 -10.97
CA CYS B 197 -18.53 21.95 -11.43
C CYS B 197 -19.62 22.29 -12.45
N GLY B 198 -19.54 21.68 -13.63
CA GLY B 198 -20.48 22.01 -14.70
C GLY B 198 -19.94 21.59 -16.06
N ALA B 199 -20.59 22.13 -17.09
CA ALA B 199 -20.34 21.68 -18.46
C ALA B 199 -18.92 22.02 -18.91
N PRO B 200 -18.33 21.17 -19.77
CA PRO B 200 -16.91 21.33 -20.11
C PRO B 200 -16.52 22.74 -20.56
N ALA B 201 -17.33 23.40 -21.39
CA ALA B 201 -16.94 24.72 -21.85
C ALA B 201 -16.80 25.69 -20.68
N MET B 202 -17.66 25.55 -19.68
CA MET B 202 -17.57 26.41 -18.49
C MET B 202 -16.34 26.08 -17.67
N LEU B 203 -16.11 24.79 -17.40
CA LEU B 203 -14.91 24.39 -16.66
C LEU B 203 -13.65 24.93 -17.33
N LYS B 204 -13.65 25.00 -18.66
CA LYS B 204 -12.51 25.48 -19.42
C LYS B 204 -12.29 26.96 -19.20
N ALA B 205 -13.38 27.75 -19.26
CA ALA B 205 -13.29 29.18 -19.00
C ALA B 205 -12.76 29.45 -17.60
N VAL B 206 -13.33 28.79 -16.59
CA VAL B 206 -12.84 28.97 -15.22
C VAL B 206 -11.35 28.64 -15.13
N ALA B 207 -10.93 27.52 -15.74
CA ALA B 207 -9.55 27.07 -15.63
C ALA B 207 -8.56 28.04 -16.27
N LYS B 208 -8.97 28.80 -17.30
CA LYS B 208 -8.03 29.78 -17.87
C LYS B 208 -7.96 31.05 -17.02
N LYS B 209 -9.13 31.58 -16.62
CA LYS B 209 -9.16 32.82 -15.84
C LYS B 209 -8.39 32.68 -14.54
N TYR B 210 -8.37 31.49 -13.95
CA TYR B 210 -7.67 31.25 -12.69
C TYR B 210 -6.59 30.18 -12.85
N GLU B 211 -5.94 30.13 -14.02
CA GLU B 211 -4.89 29.15 -14.28
C GLU B 211 -3.76 29.27 -13.27
N GLN B 212 -3.51 30.49 -12.78
CA GLN B 212 -2.44 30.76 -11.82
C GLN B 212 -2.83 30.46 -10.38
N LEU B 213 -4.12 30.25 -10.09
CA LEU B 213 -4.54 29.86 -8.75
C LEU B 213 -4.22 28.39 -8.46
N GLU B 214 -3.70 28.13 -7.26
CA GLU B 214 -3.41 26.75 -6.90
C GLU B 214 -4.58 26.03 -6.26
N ARG B 215 -5.28 26.68 -5.33
CA ARG B 215 -6.48 26.10 -4.73
C ARG B 215 -7.66 26.28 -5.68
N LEU B 216 -7.60 25.56 -6.80
CA LEU B 216 -8.63 25.57 -7.84
C LEU B 216 -9.10 24.14 -8.04
N TYR B 217 -10.32 23.86 -7.60
CA TYR B 217 -10.84 22.51 -7.56
C TYR B 217 -11.94 22.37 -8.60
N ILE B 218 -11.78 21.39 -9.49
CA ILE B 218 -12.65 21.20 -10.65
C ILE B 218 -13.23 19.80 -10.56
N SER B 219 -14.57 19.71 -10.57
CA SER B 219 -15.28 18.44 -10.51
C SER B 219 -15.63 18.02 -11.95
N MET B 220 -15.15 16.83 -12.33
CA MET B 220 -15.21 16.34 -13.70
C MET B 220 -16.34 15.33 -13.87
N GLU B 221 -16.78 15.15 -15.11
CA GLU B 221 -17.67 14.04 -15.43
C GLU B 221 -17.07 13.20 -16.55
N SER B 222 -17.57 11.97 -16.66
CA SER B 222 -17.06 11.04 -17.65
C SER B 222 -18.06 9.89 -17.81
N ARG B 223 -17.97 9.20 -18.94
CA ARG B 223 -18.63 7.91 -19.04
C ARG B 223 -17.95 6.92 -18.09
N MET B 224 -18.75 6.11 -17.40
CA MET B 224 -18.23 5.23 -16.37
C MET B 224 -18.79 3.83 -16.52
N ALA B 225 -18.08 2.86 -15.95
CA ALA B 225 -18.57 1.49 -15.87
C ALA B 225 -18.45 0.94 -14.44
N CYS B 226 -17.24 0.53 -14.05
CA CYS B 226 -17.11 -0.08 -12.72
C CYS B 226 -17.31 0.93 -11.61
N GLY B 227 -16.95 2.20 -11.84
CA GLY B 227 -17.12 3.22 -10.83
C GLY B 227 -16.15 3.17 -9.66
N ILE B 228 -15.11 2.34 -9.70
CA ILE B 228 -14.20 2.19 -8.58
C ILE B 228 -12.73 2.22 -8.97
N GLY B 229 -12.41 2.39 -10.26
CA GLY B 229 -11.03 2.49 -10.71
C GLY B 229 -10.43 1.25 -11.34
N ALA B 230 -11.21 0.19 -11.53
CA ALA B 230 -10.73 -1.09 -12.07
C ALA B 230 -10.74 -1.14 -13.61
N CYS B 231 -11.72 -0.53 -14.26
CA CYS B 231 -12.00 -0.84 -15.66
C CYS B 231 -11.35 0.11 -16.66
N TYR B 232 -10.90 1.28 -16.20
CA TYR B 232 -10.21 2.32 -16.97
C TYR B 232 -11.13 3.04 -17.95
N ALA B 233 -12.44 3.05 -17.71
CA ALA B 233 -13.34 3.69 -18.66
C ALA B 233 -13.17 5.21 -18.66
N CYS B 234 -12.87 5.81 -17.50
CA CYS B 234 -13.07 7.25 -17.30
C CYS B 234 -11.78 8.06 -17.15
N VAL B 235 -10.83 7.85 -18.02
CA VAL B 235 -9.50 8.39 -17.84
C VAL B 235 -9.42 9.79 -18.42
N GLU B 236 -8.71 10.66 -17.70
CA GLU B 236 -8.21 11.94 -18.18
C GLU B 236 -6.69 11.88 -18.25
N HIS B 237 -6.11 12.62 -19.19
CA HIS B 237 -4.67 12.76 -19.20
C HIS B 237 -4.24 13.59 -17.99
N ASP B 238 -3.21 13.11 -17.29
CA ASP B 238 -2.59 13.87 -16.19
C ASP B 238 -1.71 14.97 -16.79
N LYS B 239 -2.09 16.23 -16.55
CA LYS B 239 -1.35 17.36 -17.11
C LYS B 239 0.05 17.46 -16.51
N GLU B 240 0.17 17.26 -15.20
CA GLU B 240 1.47 17.44 -14.56
C GLU B 240 2.37 16.24 -14.77
N ASP B 241 1.83 15.14 -15.26
CA ASP B 241 2.59 13.92 -15.47
C ASP B 241 2.07 13.26 -16.77
N GLU B 242 2.52 13.78 -17.91
CA GLU B 242 2.36 13.07 -19.18
C GLU B 242 2.90 11.67 -18.98
N ASN B 243 2.38 10.72 -19.74
CA ASN B 243 2.63 9.30 -19.48
C ASN B 243 1.90 8.80 -18.22
N HIS B 244 0.87 9.50 -17.75
CA HIS B 244 0.04 8.99 -16.66
C HIS B 244 -1.44 9.35 -16.85
N ALA B 245 -2.32 8.39 -16.57
CA ALA B 245 -3.78 8.54 -16.73
C ALA B 245 -4.48 8.73 -15.39
N LEU B 246 -5.23 9.83 -15.25
CA LEU B 246 -6.11 10.03 -14.10
C LEU B 246 -7.45 9.36 -14.34
N LYS B 247 -8.02 8.76 -13.29
CA LYS B 247 -9.33 8.11 -13.39
C LYS B 247 -10.36 8.98 -12.68
N VAL B 248 -11.32 9.53 -13.44
CA VAL B 248 -12.30 10.44 -12.87
C VAL B 248 -13.02 9.82 -11.66
N CYS B 249 -13.36 8.54 -11.73
CA CYS B 249 -14.18 7.96 -10.68
C CYS B 249 -13.43 7.81 -9.34
N GLU B 250 -12.12 7.59 -9.39
CA GLU B 250 -11.35 7.18 -8.22
C GLU B 250 -10.31 8.20 -7.80
N ASP B 251 -9.58 8.78 -8.76
CA ASP B 251 -8.73 9.92 -8.48
C ASP B 251 -9.57 11.17 -8.25
N GLY B 252 -10.58 11.35 -9.10
CA GLY B 252 -11.56 12.37 -8.87
C GLY B 252 -12.75 11.85 -8.11
N PRO B 253 -13.93 12.43 -8.36
CA PRO B 253 -14.21 13.35 -9.47
C PRO B 253 -13.61 14.75 -9.39
N VAL B 254 -13.12 15.20 -8.22
CA VAL B 254 -12.57 16.55 -8.06
C VAL B 254 -11.06 16.51 -8.21
N PHE B 255 -10.52 17.41 -9.04
CA PHE B 255 -9.09 17.51 -9.31
C PHE B 255 -8.61 18.95 -9.06
N LEU B 256 -7.31 19.10 -8.81
CA LEU B 256 -6.67 20.41 -8.83
C LEU B 256 -6.47 20.85 -10.27
N GLY B 257 -6.68 22.15 -10.51
CA GLY B 257 -6.63 22.67 -11.87
C GLY B 257 -5.33 22.38 -12.60
N LYS B 258 -4.24 22.23 -11.84
CA LYS B 258 -2.94 21.93 -12.45
C LYS B 258 -2.86 20.50 -12.97
N GLN B 259 -3.77 19.61 -12.50
CA GLN B 259 -3.79 18.23 -12.95
C GLN B 259 -4.53 18.04 -14.26
N LEU B 260 -5.15 19.09 -14.82
CA LEU B 260 -6.09 18.94 -15.93
C LEU B 260 -5.73 19.82 -17.13
N LEU B 261 -6.04 19.29 -18.30
CA LEU B 261 -5.82 19.94 -19.59
C LEU B 261 -7.15 20.42 -20.18
N LEU B 262 -7.41 21.72 -20.10
CA LEU B 262 -8.68 22.32 -20.54
C LEU B 262 -9.84 21.81 -19.70
N MET C 1 36.22 0.45 12.10
CA MET C 1 34.80 0.45 12.44
C MET C 1 34.32 1.83 12.89
N PRO C 2 33.07 2.17 12.56
CA PRO C 2 32.51 3.46 13.00
C PRO C 2 32.32 3.52 14.50
N LYS C 3 32.50 4.72 15.06
CA LYS C 3 32.39 4.86 16.51
C LYS C 3 30.94 4.72 16.96
N LEU C 4 30.00 5.09 16.09
CA LEU C 4 28.56 4.87 16.24
C LEU C 4 27.96 5.64 17.40
N GLN C 5 28.42 5.39 18.63
CA GLN C 5 27.84 6.03 19.79
C GLN C 5 28.86 6.93 20.47
N GLU C 6 28.36 8.02 21.06
CA GLU C 6 29.23 8.94 21.78
C GLU C 6 28.38 9.85 22.66
N MET C 7 28.84 10.05 23.90
CA MET C 7 28.27 11.11 24.74
C MET C 7 28.87 12.43 24.28
N MET C 8 28.16 13.10 23.37
CA MET C 8 28.57 14.40 22.88
C MET C 8 28.17 15.47 23.89
N THR C 9 28.78 16.65 23.75
CA THR C 9 28.53 17.78 24.66
C THR C 9 27.77 18.87 23.92
N ILE C 10 26.66 19.34 24.50
CA ILE C 10 25.92 20.40 23.82
C ILE C 10 26.60 21.73 24.03
N VAL C 11 26.97 22.38 22.93
CA VAL C 11 27.61 23.70 22.98
C VAL C 11 26.59 24.78 23.27
N SER C 12 25.54 24.85 22.46
CA SER C 12 24.44 25.75 22.73
C SER C 12 23.14 25.09 22.29
N GLN C 13 22.03 25.69 22.70
CA GLN C 13 20.73 25.25 22.25
C GLN C 13 19.79 26.40 22.51
N ARG C 14 19.10 26.86 21.48
CA ARG C 14 18.20 27.98 21.56
C ARG C 14 17.02 27.71 20.64
N GLU C 15 15.87 28.23 21.02
CA GLU C 15 14.68 28.12 20.20
C GLU C 15 14.79 29.15 19.08
N VAL C 16 15.10 28.70 17.86
CA VAL C 16 15.31 29.63 16.74
C VAL C 16 14.02 29.93 15.99
N ALA C 17 12.95 29.17 16.22
CA ALA C 17 11.64 29.48 15.68
C ALA C 17 10.60 28.80 16.57
N SER C 18 9.34 29.08 16.28
CA SER C 18 8.22 28.62 17.10
C SER C 18 8.28 27.11 17.27
N ASN C 19 8.63 26.67 18.48
CA ASN C 19 8.76 25.26 18.86
C ASN C 19 9.87 24.54 18.10
N ILE C 20 10.85 25.26 17.60
CA ILE C 20 11.95 24.68 16.84
C ILE C 20 13.27 25.07 17.51
N PHE C 21 14.07 24.07 17.87
CA PHE C 21 15.32 24.29 18.58
C PHE C 21 16.52 23.94 17.72
N GLU C 22 17.55 24.78 17.79
CA GLU C 22 18.81 24.54 17.12
C GLU C 22 19.84 24.15 18.18
N MET C 23 20.43 22.97 18.03
CA MET C 23 21.45 22.48 18.96
C MET C 23 22.78 22.36 18.24
N VAL C 24 23.85 22.83 18.89
CA VAL C 24 25.21 22.61 18.40
C VAL C 24 25.88 21.56 19.29
N LEU C 25 26.42 20.52 18.68
CA LEU C 25 27.00 19.39 19.40
C LEU C 25 28.47 19.24 19.02
N LYS C 26 29.32 19.09 20.01
CA LYS C 26 30.75 18.89 19.79
C LYS C 26 31.11 17.47 20.17
N GLY C 27 31.84 16.79 19.28
CA GLY C 27 32.29 15.43 19.58
C GLY C 27 33.16 14.94 18.44
N GLU C 28 33.74 13.77 18.67
CA GLU C 28 34.58 13.18 17.65
C GLU C 28 33.80 12.40 16.60
N LEU C 29 32.48 12.23 16.79
CA LEU C 29 31.67 11.65 15.72
C LEU C 29 31.64 12.58 14.51
N VAL C 30 31.84 13.87 14.73
CA VAL C 30 31.82 14.82 13.62
C VAL C 30 32.86 14.46 12.58
N GLU C 31 33.99 13.88 13.01
CA GLU C 31 35.05 13.55 12.07
C GLU C 31 34.61 12.47 11.09
N GLU C 32 33.55 11.73 11.38
CA GLU C 32 33.11 10.68 10.47
C GLU C 32 32.08 11.18 9.45
N MET C 33 31.68 12.44 9.52
CA MET C 33 30.66 12.96 8.64
C MET C 33 31.25 13.26 7.27
N ASP C 34 30.51 12.91 6.22
CA ASP C 34 30.97 13.08 4.85
C ASP C 34 29.82 13.59 3.99
N LEU C 35 28.88 12.71 3.62
CA LEU C 35 27.77 13.12 2.78
C LEU C 35 26.78 13.98 3.57
N PRO C 36 26.27 15.06 2.98
CA PRO C 36 25.13 15.75 3.60
C PRO C 36 23.94 14.79 3.63
N GLY C 37 23.03 15.02 4.58
CA GLY C 37 21.81 14.23 4.64
C GLY C 37 21.84 12.97 5.48
N GLN C 38 22.93 12.71 6.22
CA GLN C 38 22.96 11.69 7.29
C GLN C 38 22.22 12.20 8.54
N PHE C 39 21.98 11.30 9.50
CA PHE C 39 21.19 11.67 10.67
C PHE C 39 21.83 11.11 11.95
N LEU C 40 21.34 11.60 13.08
CA LEU C 40 21.76 11.19 14.43
C LEU C 40 20.60 10.54 15.16
N HIS C 41 20.90 9.52 15.95
CA HIS C 41 19.91 8.81 16.72
C HIS C 41 20.07 9.16 18.21
N LEU C 42 19.22 10.05 18.68
CA LEU C 42 19.39 10.73 19.97
C LEU C 42 18.60 10.03 21.07
N ALA C 43 19.29 9.69 22.16
CA ALA C 43 18.62 9.17 23.34
C ALA C 43 17.98 10.32 24.11
N VAL C 44 16.70 10.15 24.44
CA VAL C 44 16.00 11.13 25.27
C VAL C 44 16.55 11.05 26.68
N PRO C 45 16.76 12.18 27.37
CA PRO C 45 17.15 12.16 28.78
C PRO C 45 15.99 11.76 29.68
N ASN C 46 15.42 10.58 29.46
CA ASN C 46 14.29 10.08 30.23
C ASN C 46 14.35 8.57 30.17
N ALA C 47 14.60 7.93 31.32
CA ALA C 47 14.88 6.49 31.33
C ALA C 47 13.65 5.67 30.99
N SER C 48 12.47 6.28 30.86
CA SER C 48 11.29 5.55 30.44
C SER C 48 11.07 5.64 28.93
N MET C 49 11.94 6.37 28.22
CA MET C 49 11.83 6.59 26.78
C MET C 49 13.06 6.01 26.11
N LEU C 50 13.00 4.73 25.77
CA LEU C 50 14.16 3.97 25.31
C LEU C 50 14.41 4.06 23.81
N LEU C 51 13.47 4.54 23.01
CA LEU C 51 13.71 4.64 21.58
C LEU C 51 14.37 5.99 21.29
N ARG C 52 15.42 5.97 20.49
CA ARG C 52 16.13 7.19 20.14
C ARG C 52 15.35 7.99 19.09
N ARG C 53 15.54 9.30 19.13
CA ARG C 53 14.87 10.22 18.21
C ARG C 53 15.78 10.53 17.03
N PRO C 54 15.38 10.21 15.79
CA PRO C 54 16.24 10.50 14.63
C PRO C 54 16.03 11.92 14.10
N ILE C 55 17.15 12.66 13.99
CA ILE C 55 17.13 14.07 13.62
C ILE C 55 18.22 14.29 12.57
N SER C 56 17.88 14.98 11.48
CA SER C 56 18.85 15.22 10.42
C SER C 56 20.01 16.08 10.92
N ILE C 57 21.21 15.73 10.49
CA ILE C 57 22.37 16.63 10.63
C ILE C 57 22.19 17.81 9.68
N SER C 58 22.20 19.03 10.23
CA SER C 58 21.98 20.21 9.38
C SER C 58 23.26 20.78 8.79
N SER C 59 24.35 20.79 9.57
CA SER C 59 25.66 21.24 9.10
C SER C 59 26.70 20.80 10.11
N TRP C 60 27.96 20.81 9.68
CA TRP C 60 29.03 20.56 10.62
C TRP C 60 30.26 21.37 10.25
N ASP C 61 31.19 21.40 11.21
CA ASP C 61 32.46 22.13 11.11
C ASP C 61 33.52 21.16 11.62
N LYS C 62 34.22 20.50 10.68
CA LYS C 62 35.24 19.52 11.06
C LYS C 62 36.31 20.12 11.96
N VAL C 63 36.69 21.38 11.71
CA VAL C 63 37.71 22.04 12.54
C VAL C 63 37.22 22.20 13.96
N ALA C 64 36.04 22.81 14.12
CA ALA C 64 35.41 23.02 15.42
C ALA C 64 35.00 21.72 16.10
N LYS C 65 34.99 20.62 15.36
CA LYS C 65 34.50 19.34 15.86
C LYS C 65 33.04 19.44 16.29
N THR C 66 32.25 20.25 15.57
CA THR C 66 30.85 20.53 15.91
C THR C 66 29.91 20.23 14.75
N CYS C 67 28.72 19.70 15.07
CA CYS C 67 27.62 19.63 14.11
C CYS C 67 26.40 20.36 14.67
N THR C 68 25.46 20.68 13.79
CA THR C 68 24.29 21.48 14.17
C THR C 68 23.04 20.75 13.71
N ILE C 69 22.02 20.69 14.61
CA ILE C 69 20.71 20.12 14.28
C ILE C 69 19.62 21.13 14.59
N LEU C 70 18.51 20.98 13.88
CA LEU C 70 17.30 21.78 14.13
C LEU C 70 16.14 20.81 14.23
N TYR C 71 15.41 20.86 15.35
CA TYR C 71 14.32 19.92 15.54
C TYR C 71 13.10 20.60 16.15
N ARG C 72 11.93 20.11 15.76
CA ARG C 72 10.67 20.56 16.32
C ARG C 72 10.30 19.66 17.49
N ILE C 73 9.76 20.26 18.56
CA ILE C 73 9.36 19.55 19.77
C ILE C 73 7.86 19.31 19.74
N GLY C 74 7.42 18.31 20.50
CA GLY C 74 6.01 18.06 20.75
C GLY C 74 5.54 18.72 22.03
N ASP C 75 4.44 18.20 22.58
CA ASP C 75 3.91 18.73 23.83
C ASP C 75 4.76 18.23 25.01
N GLU C 76 4.31 18.49 26.24
CA GLU C 76 5.13 18.21 27.42
C GLU C 76 5.34 16.72 27.67
N THR C 77 4.60 15.84 26.98
CA THR C 77 4.78 14.39 27.09
C THR C 77 5.81 13.85 26.09
N SER C 78 6.29 14.66 25.16
CA SER C 78 7.18 14.19 24.10
C SER C 78 8.64 14.13 24.56
N GLY C 79 9.41 13.30 23.86
CA GLY C 79 10.83 13.18 24.14
C GLY C 79 11.64 14.33 23.60
N THR C 80 11.26 14.88 22.44
CA THR C 80 11.96 16.06 21.94
C THR C 80 11.83 17.24 22.90
N TYR C 81 10.66 17.38 23.53
CA TYR C 81 10.47 18.41 24.54
C TYR C 81 11.53 18.33 25.64
N GLU C 82 11.80 17.10 26.12
CA GLU C 82 12.83 16.91 27.14
C GLU C 82 14.20 17.29 26.63
N ILE C 83 14.46 16.99 25.35
CA ILE C 83 15.79 17.27 24.82
C ILE C 83 16.03 18.76 24.77
N SER C 84 14.99 19.56 24.50
CA SER C 84 15.11 21.01 24.45
C SER C 84 15.40 21.63 25.81
N LYS C 85 15.22 20.88 26.90
CA LYS C 85 15.59 21.39 28.21
C LYS C 85 17.08 21.23 28.50
N LEU C 86 17.78 20.37 27.78
CA LEU C 86 19.22 20.26 28.00
C LEU C 86 19.89 21.61 27.80
N GLN C 87 20.82 21.92 28.68
CA GLN C 87 21.47 23.21 28.69
C GLN C 87 22.90 23.05 28.20
N SER C 88 23.45 24.17 27.74
CA SER C 88 24.85 24.25 27.37
C SER C 88 25.72 23.57 28.42
N GLY C 89 26.52 22.60 27.99
CA GLY C 89 27.42 21.89 28.86
C GLY C 89 27.00 20.48 29.16
N ALA C 90 25.70 20.18 29.03
CA ALA C 90 25.21 18.83 29.26
C ALA C 90 25.78 17.86 28.23
N LYS C 91 25.79 16.59 28.60
CA LYS C 91 26.08 15.54 27.62
C LYS C 91 24.78 14.98 27.05
N ILE C 92 24.87 14.47 25.82
CA ILE C 92 23.74 13.82 25.15
C ILE C 92 24.23 12.55 24.47
N ASP C 93 23.46 11.46 24.63
CA ASP C 93 23.81 10.14 24.09
C ASP C 93 23.40 10.05 22.61
N VAL C 94 24.39 10.20 21.73
CA VAL C 94 24.15 10.26 20.29
C VAL C 94 24.68 9.00 19.62
N MET C 95 23.90 8.45 18.69
CA MET C 95 24.40 7.52 17.69
C MET C 95 24.52 8.28 16.36
N GLY C 96 25.57 7.98 15.62
CA GLY C 96 25.74 8.55 14.29
C GLY C 96 27.19 8.75 13.89
N PRO C 97 27.42 9.32 12.69
CA PRO C 97 26.33 9.66 11.77
C PRO C 97 25.84 8.41 11.03
N LEU C 98 24.58 8.43 10.58
CA LEU C 98 23.92 7.23 10.10
C LEU C 98 23.30 7.47 8.73
N GLY C 99 23.37 6.44 7.87
CA GLY C 99 22.55 6.37 6.68
C GLY C 99 23.27 6.80 5.39
N ASN C 100 22.61 6.50 4.27
CA ASN C 100 23.04 6.97 2.95
C ASN C 100 22.50 8.38 2.71
N GLY C 101 23.41 9.31 2.44
CA GLY C 101 23.07 10.71 2.26
C GLY C 101 22.90 11.09 0.79
N PHE C 102 22.80 12.39 0.58
CA PHE C 102 22.73 12.97 -0.76
C PHE C 102 24.08 12.86 -1.44
N PRO C 103 24.16 12.28 -2.63
CA PRO C 103 25.45 12.25 -3.34
C PRO C 103 25.78 13.61 -3.95
N VAL C 104 27.04 14.03 -3.82
CA VAL C 104 27.46 15.32 -4.38
C VAL C 104 28.69 15.18 -5.27
N ASP C 105 29.35 14.03 -5.22
CA ASP C 105 30.62 13.82 -5.92
C ASP C 105 30.56 14.25 -7.39
N GLU C 106 29.61 13.72 -8.14
CA GLU C 106 29.59 13.95 -9.57
C GLU C 106 28.81 15.18 -9.96
N VAL C 107 28.61 16.10 -9.04
CA VAL C 107 28.07 17.40 -9.41
C VAL C 107 29.21 18.22 -10.00
N VAL C 108 28.91 18.93 -11.07
CA VAL C 108 29.89 19.67 -11.87
C VAL C 108 29.38 21.09 -11.99
N SER C 109 30.31 22.06 -12.09
CA SER C 109 29.90 23.47 -12.08
C SER C 109 28.83 23.78 -13.12
N THR C 110 28.83 23.04 -14.24
CA THR C 110 27.89 23.32 -15.32
C THR C 110 26.44 23.07 -14.91
N ASP C 111 26.16 21.91 -14.34
CA ASP C 111 24.77 21.49 -14.26
C ASP C 111 23.98 22.32 -13.24
N LYS C 112 22.67 22.42 -13.48
CA LYS C 112 21.77 23.27 -12.72
C LYS C 112 20.99 22.43 -11.70
N ILE C 113 21.22 22.70 -10.42
CA ILE C 113 20.72 21.89 -9.31
C ILE C 113 19.49 22.54 -8.71
N LEU C 114 18.40 21.76 -8.54
CA LEU C 114 17.18 22.22 -7.87
C LEU C 114 17.10 21.60 -6.48
N ILE C 115 16.75 22.43 -5.48
CA ILE C 115 16.60 22.01 -4.10
C ILE C 115 15.24 22.47 -3.60
N VAL C 116 14.43 21.53 -3.14
CA VAL C 116 13.06 21.79 -2.71
C VAL C 116 12.89 21.23 -1.30
N GLY C 117 12.63 22.11 -0.34
CA GLY C 117 12.47 21.70 1.03
C GLY C 117 11.24 22.30 1.68
N GLY C 118 10.80 21.65 2.74
CA GLY C 118 9.72 22.18 3.54
C GLY C 118 9.83 21.79 5.00
N GLY C 119 9.40 22.70 5.89
CA GLY C 119 9.36 22.42 7.32
C GLY C 119 10.69 21.94 7.88
N ILE C 120 10.65 20.81 8.58
CA ILE C 120 11.83 20.22 9.19
C ILE C 120 12.55 19.30 8.23
N GLY C 121 12.13 19.26 6.98
CA GLY C 121 12.97 18.69 5.95
C GLY C 121 14.05 19.62 5.50
N VAL C 122 13.93 20.90 5.85
CA VAL C 122 14.88 21.92 5.44
C VAL C 122 16.28 21.76 6.05
N PRO C 123 16.43 21.53 7.36
CA PRO C 123 17.79 21.60 7.98
C PRO C 123 18.87 20.85 7.22
N PRO C 124 18.66 19.58 6.82
CA PRO C 124 19.78 18.85 6.19
C PRO C 124 20.14 19.39 4.81
N LEU C 125 19.23 20.10 4.16
CA LEU C 125 19.51 20.68 2.85
C LEU C 125 20.55 21.79 2.94
N TYR C 126 20.75 22.35 4.13
CA TYR C 126 21.75 23.40 4.31
C TYR C 126 23.17 22.88 4.08
N GLU C 127 23.55 21.78 4.74
CA GLU C 127 24.87 21.20 4.48
C GLU C 127 25.00 20.76 3.03
N LEU C 128 23.87 20.42 2.40
CA LEU C 128 23.88 20.06 0.99
C LEU C 128 24.31 21.25 0.13
N ALA C 129 23.63 22.38 0.29
CA ALA C 129 24.02 23.58 -0.44
C ALA C 129 25.44 24.02 -0.12
N LYS C 130 25.85 23.92 1.16
CA LYS C 130 27.22 24.27 1.54
C LYS C 130 28.24 23.46 0.74
N GLN C 131 28.04 22.14 0.64
CA GLN C 131 29.00 21.33 -0.10
C GLN C 131 28.96 21.61 -1.60
N LEU C 132 27.78 21.94 -2.13
CA LEU C 132 27.65 22.27 -3.54
C LEU C 132 28.30 23.61 -3.88
N GLU C 133 28.49 24.49 -2.89
CA GLU C 133 29.18 25.74 -3.15
C GLU C 133 30.61 25.50 -3.62
N GLU C 134 31.26 24.49 -3.04
CA GLU C 134 32.60 24.12 -3.46
C GLU C 134 32.64 23.70 -4.93
N LYS C 135 31.54 23.13 -5.44
CA LYS C 135 31.47 22.68 -6.82
C LYS C 135 30.97 23.76 -7.79
N ASN C 136 30.87 25.02 -7.34
CA ASN C 136 30.57 26.18 -8.19
C ASN C 136 29.37 25.95 -9.09
N CYS C 137 28.37 25.26 -8.59
CA CYS C 137 27.20 25.04 -9.41
C CYS C 137 26.08 25.97 -8.98
N GLN C 138 25.13 26.15 -9.89
CA GLN C 138 24.06 27.10 -9.72
C GLN C 138 22.86 26.36 -9.15
N MET C 139 22.42 26.78 -7.99
CA MET C 139 21.30 26.18 -7.29
C MET C 139 20.15 27.17 -7.28
N THR C 140 18.95 26.71 -7.61
CA THR C 140 17.73 27.40 -7.21
C THR C 140 17.16 26.60 -6.04
N ILE C 141 16.81 27.31 -4.98
CA ILE C 141 16.40 26.68 -3.72
C ILE C 141 15.02 27.20 -3.34
N LEU C 142 14.07 26.28 -3.27
CA LEU C 142 12.69 26.58 -2.92
C LEU C 142 12.41 25.96 -1.56
N LEU C 143 11.98 26.79 -0.60
CA LEU C 143 11.71 26.32 0.75
C LEU C 143 10.32 26.79 1.15
N GLY C 144 9.54 25.90 1.77
CA GLY C 144 8.18 26.20 2.17
C GLY C 144 7.96 25.97 3.66
N PHE C 145 7.10 26.78 4.25
CA PHE C 145 6.80 26.66 5.66
C PHE C 145 5.31 26.88 5.84
N ALA C 146 4.79 26.43 6.98
CA ALA C 146 3.38 26.67 7.25
C ALA C 146 3.12 28.15 7.45
N SER C 147 4.09 28.86 8.03
CA SER C 147 3.90 30.22 8.47
C SER C 147 5.27 30.85 8.70
N GLU C 148 5.28 32.18 8.78
CA GLU C 148 6.50 32.91 9.14
C GLU C 148 7.10 32.42 10.47
N LYS C 149 6.25 32.10 11.46
CA LYS C 149 6.74 31.75 12.80
C LYS C 149 7.57 30.46 12.80
N VAL C 150 7.45 29.61 11.78
CA VAL C 150 8.19 28.35 11.70
C VAL C 150 9.18 28.33 10.54
N LYS C 151 9.37 29.47 9.89
CA LYS C 151 10.46 29.63 8.94
C LYS C 151 11.81 29.50 9.65
N ILE C 152 12.74 28.78 9.03
CA ILE C 152 14.05 28.54 9.61
C ILE C 152 15.11 28.61 8.52
N LEU C 153 16.28 29.12 8.89
CA LEU C 153 17.52 29.10 8.12
C LEU C 153 17.50 30.00 6.88
N GLU C 154 16.56 30.95 6.77
CA GLU C 154 16.54 31.84 5.59
C GLU C 154 17.86 32.57 5.43
N LYS C 155 18.38 33.15 6.51
CA LYS C 155 19.60 33.93 6.44
C LYS C 155 20.77 33.06 6.02
N GLU C 156 20.82 31.82 6.53
CA GLU C 156 21.94 30.90 6.27
C GLU C 156 22.03 30.52 4.80
N PHE C 157 20.87 30.25 4.18
CA PHE C 157 20.85 29.92 2.76
C PHE C 157 21.17 31.14 1.90
N ALA C 158 20.67 32.32 2.30
CA ALA C 158 20.85 33.52 1.50
C ALA C 158 22.32 33.94 1.40
N GLU C 159 23.08 33.75 2.48
CA GLU C 159 24.51 34.06 2.50
C GLU C 159 25.32 33.22 1.52
N LEU C 160 24.76 32.15 0.95
CA LEU C 160 25.56 31.31 0.08
C LEU C 160 25.65 31.93 -1.30
N LYS C 161 26.77 31.70 -1.98
CA LYS C 161 26.88 32.13 -3.36
C LYS C 161 26.05 31.19 -4.25
N ASN C 162 25.92 31.55 -5.52
CA ASN C 162 25.33 30.66 -6.52
C ASN C 162 23.97 30.10 -6.10
N VAL C 163 23.18 30.89 -5.37
CA VAL C 163 21.92 30.39 -4.83
C VAL C 163 20.83 31.40 -5.17
N SER C 164 19.82 30.95 -5.90
CA SER C 164 18.56 31.66 -6.06
C SER C 164 17.59 31.05 -5.07
N LEU C 165 17.03 31.89 -4.20
CA LEU C 165 16.23 31.38 -3.08
C LEU C 165 14.84 32.00 -3.10
N LYS C 166 13.82 31.15 -3.21
CA LYS C 166 12.44 31.54 -3.00
C LYS C 166 11.90 30.81 -1.79
N ILE C 167 11.05 31.52 -1.04
CA ILE C 167 10.47 31.00 0.18
C ILE C 167 8.97 31.17 0.10
N ALA C 168 8.24 30.09 0.35
CA ALA C 168 6.80 30.10 0.39
C ALA C 168 6.30 29.83 1.80
N THR C 169 5.10 30.36 2.10
CA THR C 169 4.39 30.05 3.32
C THR C 169 2.94 29.74 2.98
N ASP C 170 2.39 28.73 3.66
CA ASP C 170 1.03 28.28 3.38
C ASP C 170 0.01 29.40 3.57
N ASP C 171 0.26 30.31 4.52
CA ASP C 171 -0.71 31.36 4.83
C ASP C 171 -0.43 32.68 4.15
N GLY C 172 0.78 32.87 3.64
CA GLY C 172 1.16 34.14 3.03
C GLY C 172 1.82 35.12 3.97
N SER C 173 2.10 34.73 5.22
CA SER C 173 2.77 35.58 6.18
C SER C 173 4.17 36.01 5.71
N TYR C 174 4.76 35.28 4.77
CA TYR C 174 6.07 35.64 4.27
C TYR C 174 6.26 35.05 2.87
N GLY C 175 6.91 35.81 2.01
CA GLY C 175 7.18 35.37 0.65
C GLY C 175 5.91 35.03 -0.13
N THR C 176 6.00 33.95 -0.91
CA THR C 176 4.91 33.54 -1.78
C THR C 176 3.90 32.72 -0.98
N LYS C 177 2.64 33.15 -0.99
CA LYS C 177 1.61 32.38 -0.31
C LYS C 177 1.37 31.09 -1.09
N GLY C 178 1.29 29.97 -0.36
CA GLY C 178 1.03 28.68 -0.93
C GLY C 178 2.13 27.70 -0.58
N HIS C 179 2.16 26.59 -1.33
CA HIS C 179 3.10 25.51 -1.12
C HIS C 179 4.26 25.60 -2.13
N VAL C 180 5.39 24.99 -1.77
CA VAL C 180 6.55 24.96 -2.65
C VAL C 180 6.15 24.52 -4.06
N GLY C 181 5.25 23.55 -4.16
CA GLY C 181 4.86 23.03 -5.46
C GLY C 181 4.44 24.07 -6.46
N MET C 182 3.82 25.15 -5.99
CA MET C 182 3.48 26.25 -6.90
C MET C 182 4.75 26.91 -7.42
N LEU C 183 5.72 27.16 -6.53
CA LEU C 183 7.02 27.66 -6.97
C LEU C 183 7.72 26.67 -7.88
N MET C 184 7.48 25.37 -7.71
CA MET C 184 7.98 24.39 -8.67
C MET C 184 7.38 24.62 -10.05
N GLU C 185 6.05 24.79 -10.11
CA GLU C 185 5.35 24.93 -11.38
C GLU C 185 5.87 26.11 -12.22
N GLU C 186 6.59 27.05 -11.60
CA GLU C 186 7.14 28.22 -12.29
C GLU C 186 8.50 27.98 -12.92
N ILE C 187 9.06 26.77 -12.77
CA ILE C 187 10.37 26.47 -13.35
C ILE C 187 10.21 26.39 -14.87
N ASP C 188 10.97 27.19 -15.62
CA ASP C 188 10.93 27.02 -17.07
C ASP C 188 12.34 26.93 -17.63
N PHE C 189 13.14 26.10 -16.99
CA PHE C 189 14.46 25.71 -17.42
C PHE C 189 14.62 24.25 -17.02
N GLU C 190 15.70 23.62 -17.44
CA GLU C 190 15.85 22.20 -17.13
C GLU C 190 16.88 22.04 -16.04
N VAL C 191 16.59 21.13 -15.11
CA VAL C 191 17.38 20.89 -13.93
C VAL C 191 18.06 19.54 -14.11
N ASP C 192 19.32 19.43 -13.67
CA ASP C 192 20.01 18.15 -13.85
C ASP C 192 19.93 17.24 -12.64
N ALA C 193 19.62 17.79 -11.47
CA ALA C 193 19.55 17.02 -10.25
C ALA C 193 18.62 17.75 -9.30
N LEU C 194 17.73 17.00 -8.67
CA LEU C 194 16.80 17.53 -7.70
C LEU C 194 16.99 16.78 -6.39
N TYR C 195 17.20 17.55 -5.31
CA TYR C 195 17.29 17.02 -3.95
C TYR C 195 16.14 17.60 -3.14
N THR C 196 15.39 16.75 -2.44
CA THR C 196 14.24 17.25 -1.71
C THR C 196 14.11 16.52 -0.37
N CYS C 197 13.53 17.23 0.61
CA CYS C 197 13.34 16.71 1.96
C CYS C 197 12.20 17.49 2.60
N GLY C 198 11.26 16.78 3.20
CA GLY C 198 10.09 17.48 3.74
C GLY C 198 8.92 16.54 3.97
N ALA C 199 7.76 17.15 4.09
CA ALA C 199 6.55 16.44 4.45
C ALA C 199 6.12 15.53 3.30
N PRO C 200 5.52 14.38 3.62
CA PRO C 200 5.15 13.41 2.57
C PRO C 200 4.36 13.99 1.41
N ALA C 201 3.45 14.94 1.67
CA ALA C 201 2.66 15.55 0.60
C ALA C 201 3.53 16.34 -0.36
N MET C 202 4.54 17.04 0.18
CA MET C 202 5.46 17.77 -0.67
C MET C 202 6.34 16.82 -1.45
N LEU C 203 6.93 15.83 -0.77
CA LEU C 203 7.75 14.83 -1.42
C LEU C 203 6.99 14.15 -2.54
N LYS C 204 5.70 13.90 -2.32
CA LYS C 204 4.87 13.24 -3.30
C LYS C 204 4.70 14.10 -4.55
N ALA C 205 4.45 15.40 -4.37
CA ALA C 205 4.34 16.29 -5.52
C ALA C 205 5.66 16.37 -6.29
N VAL C 206 6.78 16.61 -5.60
CA VAL C 206 8.06 16.72 -6.28
C VAL C 206 8.34 15.46 -7.08
N ALA C 207 8.13 14.30 -6.46
CA ALA C 207 8.43 13.02 -7.11
C ALA C 207 7.59 12.78 -8.37
N LYS C 208 6.40 13.38 -8.46
CA LYS C 208 5.59 13.20 -9.66
C LYS C 208 6.01 14.12 -10.79
N LYS C 209 6.24 15.41 -10.50
CA LYS C 209 6.67 16.31 -11.56
C LYS C 209 8.02 15.90 -12.15
N TYR C 210 8.85 15.21 -11.36
CA TYR C 210 10.18 14.82 -11.83
C TYR C 210 10.43 13.31 -11.78
N GLU C 211 9.39 12.49 -11.90
CA GLU C 211 9.60 11.04 -11.85
C GLU C 211 10.46 10.54 -12.99
N GLN C 212 10.47 11.25 -14.13
CA GLN C 212 11.29 10.84 -15.26
C GLN C 212 12.75 11.23 -15.12
N LEU C 213 13.05 12.15 -14.20
CA LEU C 213 14.44 12.49 -13.91
C LEU C 213 15.09 11.35 -13.11
N GLU C 214 16.32 11.01 -13.47
CA GLU C 214 17.03 9.95 -12.78
C GLU C 214 17.75 10.45 -11.54
N ARG C 215 18.47 11.58 -11.66
CA ARG C 215 19.11 12.21 -10.51
C ARG C 215 18.06 12.99 -9.71
N LEU C 216 17.19 12.22 -9.08
CA LEU C 216 16.14 12.70 -8.19
C LEU C 216 16.37 12.04 -6.85
N TYR C 217 16.76 12.83 -5.85
CA TYR C 217 17.15 12.31 -4.55
C TYR C 217 16.14 12.78 -3.51
N ILE C 218 15.50 11.82 -2.86
CA ILE C 218 14.37 12.07 -1.96
C ILE C 218 14.77 11.59 -0.57
N SER C 219 14.73 12.48 0.41
CA SER C 219 15.05 12.09 1.78
C SER C 219 13.78 11.76 2.54
N MET C 220 13.69 10.53 3.06
CA MET C 220 12.48 10.00 3.67
C MET C 220 12.52 10.06 5.19
N GLU C 221 11.34 9.94 5.79
CA GLU C 221 11.21 9.74 7.22
C GLU C 221 10.40 8.47 7.52
N SER C 222 10.56 7.96 8.73
CA SER C 222 9.84 6.77 9.15
C SER C 222 9.96 6.65 10.66
N ARG C 223 9.07 5.86 11.26
CA ARG C 223 9.27 5.39 12.63
C ARG C 223 10.46 4.45 12.66
N MET C 224 11.30 4.58 13.69
CA MET C 224 12.54 3.83 13.81
C MET C 224 12.70 3.27 15.22
N ALA C 225 13.49 2.20 15.31
CA ALA C 225 13.92 1.68 16.60
C ALA C 225 15.44 1.56 16.56
N CYS C 226 15.98 0.50 15.94
CA CYS C 226 17.42 0.22 16.02
C CYS C 226 18.25 1.30 15.34
N GLY C 227 17.74 1.87 14.24
CA GLY C 227 18.47 2.93 13.54
C GLY C 227 19.63 2.49 12.68
N ILE C 228 19.82 1.17 12.46
CA ILE C 228 20.99 0.66 11.75
C ILE C 228 20.65 -0.43 10.72
N GLY C 229 19.37 -0.80 10.62
CA GLY C 229 18.98 -1.77 9.62
C GLY C 229 18.72 -3.17 10.13
N ALA C 230 18.78 -3.38 11.45
CA ALA C 230 18.58 -4.72 12.00
C ALA C 230 17.13 -5.06 12.29
N CYS C 231 16.29 -4.06 12.67
CA CYS C 231 14.99 -4.38 13.27
C CYS C 231 13.83 -4.36 12.29
N TYR C 232 13.98 -3.75 11.11
CA TYR C 232 13.00 -3.73 10.02
C TYR C 232 11.79 -2.85 10.33
N ALA C 233 11.94 -1.88 11.25
CA ALA C 233 10.83 -1.01 11.63
C ALA C 233 10.43 -0.07 10.50
N CYS C 234 11.38 0.37 9.70
CA CYS C 234 11.18 1.56 8.88
C CYS C 234 11.12 1.28 7.38
N VAL C 235 10.40 0.24 6.96
CA VAL C 235 10.51 -0.26 5.59
C VAL C 235 9.63 0.54 4.63
N GLU C 236 10.14 0.72 3.43
CA GLU C 236 9.38 1.16 2.26
C GLU C 236 9.33 0.01 1.26
N HIS C 237 8.24 -0.06 0.48
CA HIS C 237 8.25 -0.98 -0.65
C HIS C 237 9.13 -0.39 -1.74
N ASP C 238 10.01 -1.23 -2.31
CA ASP C 238 10.87 -0.82 -3.42
C ASP C 238 10.04 -0.71 -4.69
N LYS C 239 10.01 0.48 -5.30
CA LYS C 239 9.26 0.68 -6.53
C LYS C 239 9.70 -0.31 -7.60
N GLU C 240 10.99 -0.64 -7.62
CA GLU C 240 11.54 -1.54 -8.63
C GLU C 240 11.22 -2.99 -8.37
N ASP C 241 10.86 -3.34 -7.14
CA ASP C 241 10.54 -4.72 -6.77
C ASP C 241 9.80 -4.68 -5.43
N GLU C 242 8.48 -4.44 -5.48
CA GLU C 242 7.77 -4.23 -4.22
C GLU C 242 7.88 -5.41 -3.26
N ASN C 243 8.39 -6.57 -3.71
CA ASN C 243 8.69 -7.65 -2.78
C ASN C 243 9.95 -7.41 -1.98
N HIS C 244 10.58 -6.26 -2.13
CA HIS C 244 11.85 -5.97 -1.49
C HIS C 244 11.68 -4.75 -0.58
N ALA C 245 12.09 -4.91 0.67
CA ALA C 245 11.86 -3.88 1.69
C ALA C 245 13.10 -3.02 1.81
N LEU C 246 12.93 -1.73 1.53
CA LEU C 246 13.98 -0.77 1.73
C LEU C 246 13.87 -0.21 3.15
N LYS C 247 15.00 -0.02 3.81
CA LYS C 247 15.05 0.48 5.17
C LYS C 247 15.47 1.94 5.14
N VAL C 248 14.61 2.83 5.64
CA VAL C 248 14.90 4.26 5.63
C VAL C 248 16.18 4.55 6.39
N CYS C 249 16.41 3.86 7.52
CA CYS C 249 17.56 4.18 8.34
C CYS C 249 18.87 3.77 7.67
N GLU C 250 18.87 2.68 6.90
CA GLU C 250 20.14 2.15 6.39
C GLU C 250 20.27 2.22 4.87
N ASP C 251 19.22 1.86 4.11
CA ASP C 251 19.23 2.11 2.68
C ASP C 251 19.09 3.59 2.37
N GLY C 252 18.21 4.28 3.09
CA GLY C 252 18.15 5.72 3.06
C GLY C 252 18.97 6.33 4.18
N PRO C 253 18.56 7.52 4.67
CA PRO C 253 17.24 8.14 4.42
C PRO C 253 16.98 8.70 3.02
N VAL C 254 18.00 8.89 2.19
CA VAL C 254 17.77 9.43 0.85
C VAL C 254 17.83 8.28 -0.14
N PHE C 255 16.87 8.26 -1.05
CA PHE C 255 16.68 7.24 -2.07
C PHE C 255 16.65 7.91 -3.44
N LEU C 256 16.89 7.12 -4.47
CA LEU C 256 16.63 7.57 -5.84
C LEU C 256 15.13 7.52 -6.10
N GLY C 257 14.65 8.50 -6.90
CA GLY C 257 13.22 8.58 -7.18
C GLY C 257 12.63 7.28 -7.72
N LYS C 258 13.43 6.51 -8.44
CA LYS C 258 12.99 5.25 -9.01
C LYS C 258 12.79 4.16 -7.95
N GLN C 259 13.23 4.37 -6.71
CA GLN C 259 13.01 3.35 -5.69
C GLN C 259 11.73 3.53 -4.89
N LEU C 260 11.03 4.66 -5.04
CA LEU C 260 9.94 5.01 -4.14
C LEU C 260 8.62 5.19 -4.88
N LEU C 261 7.51 4.81 -4.23
CA LEU C 261 6.15 5.07 -4.71
C LEU C 261 5.53 6.16 -3.86
N LEU C 262 5.32 7.34 -4.46
CA LEU C 262 4.90 8.56 -3.76
C LEU C 262 6.05 9.06 -2.88
N ASN D 1 35.61 -20.15 30.98
CA ASN D 1 35.75 -19.30 32.15
C ASN D 1 34.53 -19.38 33.06
N ARG D 2 34.32 -18.33 33.86
CA ARG D 2 33.16 -18.24 34.74
C ARG D 2 31.88 -18.17 33.92
N LEU D 3 31.89 -17.35 32.86
CA LEU D 3 30.70 -17.06 32.06
C LEU D 3 30.30 -18.22 31.17
N SER D 4 31.16 -19.22 31.02
CA SER D 4 30.91 -20.29 30.08
C SER D 4 29.71 -21.13 30.51
N VAL D 5 28.89 -21.47 29.54
CA VAL D 5 27.67 -22.23 29.75
C VAL D 5 27.54 -23.21 28.60
N LYS D 6 27.08 -24.42 28.93
CA LYS D 6 26.91 -25.50 27.96
C LYS D 6 25.45 -25.91 28.01
N LEU D 7 24.79 -25.88 26.85
CA LEU D 7 23.41 -26.34 26.73
C LEU D 7 23.28 -27.27 25.53
N PRO D 8 22.18 -28.04 25.45
CA PRO D 8 21.97 -28.92 24.27
C PRO D 8 22.21 -28.21 22.95
N GLY D 9 23.27 -28.63 22.24
CA GLY D 9 23.63 -28.02 21.00
C GLY D 9 24.44 -26.74 21.13
N LEU D 10 24.78 -26.33 22.35
CA LEU D 10 25.31 -24.99 22.60
C LEU D 10 26.43 -25.06 23.62
N ASP D 11 27.66 -24.85 23.15
CA ASP D 11 28.81 -24.75 24.02
C ASP D 11 29.19 -23.27 24.03
N LEU D 12 28.59 -22.51 24.94
CA LEU D 12 28.59 -21.05 24.88
C LEU D 12 29.71 -20.45 25.72
N LYS D 13 30.43 -19.49 25.13
CA LYS D 13 31.50 -18.82 25.84
C LYS D 13 30.97 -17.90 26.94
N ASN D 14 29.77 -17.37 26.75
CA ASN D 14 29.04 -16.61 27.77
C ASN D 14 27.56 -16.75 27.46
N PRO D 15 26.68 -16.39 28.39
CA PRO D 15 25.25 -16.64 28.16
C PRO D 15 24.50 -15.59 27.37
N ILE D 16 25.17 -14.54 26.89
CA ILE D 16 24.52 -13.36 26.32
C ILE D 16 24.20 -13.57 24.85
N ILE D 17 22.91 -13.49 24.50
CA ILE D 17 22.43 -13.81 23.14
C ILE D 17 21.48 -12.74 22.66
N PRO D 18 21.77 -12.00 21.58
CA PRO D 18 20.73 -11.14 20.99
C PRO D 18 19.47 -11.93 20.62
N ALA D 19 18.31 -11.40 21.00
CA ALA D 19 17.05 -12.10 20.78
C ALA D 19 16.58 -12.02 19.33
N SER D 20 15.86 -13.05 18.89
CA SER D 20 15.42 -13.10 17.50
C SER D 20 14.63 -11.86 17.15
N GLY D 21 14.96 -11.25 16.03
CA GLY D 21 14.29 -10.06 15.56
C GLY D 21 14.89 -8.76 16.04
N CYS D 22 15.86 -8.79 16.95
CA CYS D 22 16.55 -7.60 17.43
C CYS D 22 18.00 -7.54 16.96
N PHE D 23 18.40 -8.45 16.08
CA PHE D 23 19.77 -8.49 15.59
C PHE D 23 19.84 -8.68 14.08
N GLY D 24 18.69 -8.86 13.41
CA GLY D 24 18.72 -9.17 12.00
C GLY D 24 19.40 -10.50 11.79
N PHE D 25 20.32 -10.56 10.83
CA PHE D 25 21.21 -11.70 10.70
C PHE D 25 22.66 -11.30 10.98
N GLY D 26 22.85 -10.33 11.88
CA GLY D 26 24.17 -9.99 12.37
C GLY D 26 24.89 -8.93 11.56
N GLU D 27 24.42 -8.62 10.35
CA GLU D 27 25.23 -7.86 9.41
C GLU D 27 25.32 -6.38 9.76
N GLU D 28 24.38 -5.87 10.54
CA GLU D 28 24.45 -4.45 10.90
C GLU D 28 25.30 -4.23 12.15
N TYR D 29 25.02 -4.96 13.24
CA TYR D 29 25.80 -4.77 14.47
C TYR D 29 27.26 -5.20 14.30
N ALA D 30 27.53 -6.12 13.36
CA ALA D 30 28.90 -6.54 13.08
C ALA D 30 29.76 -5.38 12.62
N LYS D 31 29.17 -4.37 11.99
CA LYS D 31 29.89 -3.16 11.60
C LYS D 31 30.47 -2.40 12.79
N TYR D 32 29.99 -2.66 14.02
CA TYR D 32 30.33 -1.83 15.17
C TYR D 32 31.07 -2.58 16.29
N TYR D 33 31.01 -3.91 16.32
CA TYR D 33 31.88 -4.66 17.21
C TYR D 33 31.95 -6.09 16.71
N ASP D 34 32.94 -6.83 17.21
CA ASP D 34 33.18 -8.22 16.83
C ASP D 34 32.13 -9.11 17.49
N LEU D 35 31.28 -9.70 16.66
CA LEU D 35 30.22 -10.56 17.17
C LEU D 35 30.72 -11.82 17.87
N ASN D 36 32.01 -12.16 17.74
CA ASN D 36 32.51 -13.33 18.45
C ASN D 36 32.46 -13.12 19.97
N LYS D 37 32.43 -11.87 20.45
CA LYS D 37 32.28 -11.62 21.88
C LYS D 37 31.00 -12.24 22.43
N LEU D 38 30.00 -12.39 21.58
CA LEU D 38 28.72 -12.95 21.98
C LEU D 38 28.83 -14.45 22.21
N GLY D 39 27.89 -14.97 22.99
CA GLY D 39 27.80 -16.40 23.15
C GLY D 39 27.19 -17.06 21.95
N SER D 40 26.07 -16.51 21.48
CA SER D 40 25.29 -17.03 20.36
C SER D 40 24.50 -15.87 19.78
N ILE D 41 23.64 -16.17 18.80
CA ILE D 41 22.72 -15.19 18.20
C ILE D 41 21.44 -15.90 17.78
N MET D 42 20.32 -15.36 18.21
CA MET D 42 19.02 -15.77 17.68
C MET D 42 18.75 -14.88 16.49
N VAL D 43 18.85 -15.44 15.28
CA VAL D 43 18.65 -14.63 14.08
C VAL D 43 17.16 -14.39 13.87
N LYS D 44 16.85 -13.38 13.05
CA LYS D 44 15.47 -13.13 12.67
C LYS D 44 14.81 -14.40 12.17
N ALA D 45 13.52 -14.52 12.48
CA ALA D 45 12.73 -15.69 12.12
C ALA D 45 12.85 -16.05 10.64
N THR D 46 12.86 -17.35 10.38
CA THR D 46 12.81 -17.90 9.03
C THR D 46 11.43 -18.49 8.81
N THR D 47 10.75 -18.05 7.75
CA THR D 47 9.60 -18.80 7.27
C THR D 47 9.92 -19.38 5.90
N LEU D 48 9.09 -20.35 5.50
CA LEU D 48 9.38 -21.12 4.30
C LEU D 48 9.47 -20.23 3.06
N HIS D 49 8.57 -19.28 2.92
CA HIS D 49 8.52 -18.35 1.81
C HIS D 49 8.86 -16.93 2.28
N PRO D 50 9.23 -16.05 1.35
CA PRO D 50 9.53 -14.67 1.75
C PRO D 50 8.32 -13.96 2.35
N ARG D 51 8.59 -13.03 3.27
CA ARG D 51 7.54 -12.21 3.85
C ARG D 51 7.99 -10.77 3.90
N PHE D 52 7.16 -9.88 3.34
CA PHE D 52 7.44 -8.46 3.49
C PHE D 52 7.07 -7.98 4.89
N GLY D 53 6.06 -8.58 5.50
CA GLY D 53 5.56 -8.20 6.79
C GLY D 53 4.42 -7.19 6.74
N ASN D 54 4.08 -6.71 7.92
CA ASN D 54 2.93 -5.85 8.08
C ASN D 54 3.21 -4.45 7.53
N PRO D 55 2.16 -3.70 7.21
CA PRO D 55 2.38 -2.32 6.79
C PRO D 55 2.92 -1.48 7.95
N THR D 56 3.55 -0.35 7.60
CA THR D 56 4.02 0.57 8.63
C THR D 56 2.88 1.53 9.06
N PRO D 57 3.01 2.21 10.21
CA PRO D 57 4.04 2.16 11.27
C PRO D 57 4.10 0.79 11.93
N ARG D 58 5.31 0.30 12.15
CA ARG D 58 5.51 -1.00 12.78
C ARG D 58 5.89 -0.91 14.25
N VAL D 59 6.32 0.25 14.72
CA VAL D 59 6.80 0.37 16.08
C VAL D 59 6.21 1.60 16.76
N ALA D 60 6.22 1.52 18.08
CA ALA D 60 5.76 2.59 18.94
C ALA D 60 6.54 2.50 20.24
N GLU D 61 6.73 3.65 20.88
CA GLU D 61 7.34 3.70 22.20
C GLU D 61 6.27 3.58 23.29
N THR D 62 6.66 2.96 24.41
CA THR D 62 5.84 2.88 25.61
C THR D 62 6.69 3.20 26.82
N ALA D 63 6.03 3.27 27.99
CA ALA D 63 6.78 3.52 29.22
C ALA D 63 7.76 2.38 29.49
N SER D 64 9.06 2.65 29.31
CA SER D 64 10.10 1.65 29.57
C SER D 64 9.94 0.44 28.65
N GLY D 65 9.37 0.66 27.46
CA GLY D 65 9.19 -0.43 26.52
C GLY D 65 8.89 0.05 25.11
N MET D 66 8.53 -0.91 24.27
CA MET D 66 8.09 -0.58 22.92
C MET D 66 7.07 -1.59 22.46
N LEU D 67 6.31 -1.19 21.44
CA LEU D 67 5.46 -2.08 20.67
C LEU D 67 6.12 -2.30 19.32
N ASN D 68 6.01 -3.52 18.80
CA ASN D 68 6.51 -3.84 17.46
C ASN D 68 5.53 -4.77 16.78
N ALA D 69 5.28 -4.55 15.49
CA ALA D 69 4.38 -5.43 14.75
C ALA D 69 4.84 -5.58 13.30
N ASP D 70 6.12 -5.88 13.11
CA ASP D 70 6.63 -6.03 11.75
C ASP D 70 6.02 -7.24 11.07
N GLY D 71 5.61 -8.26 11.85
CA GLY D 71 4.99 -9.43 11.26
C GLY D 71 5.93 -10.45 10.65
N LEU D 72 7.15 -10.59 11.20
CA LEU D 72 8.15 -11.57 10.76
C LEU D 72 8.56 -11.34 9.31
N GLN D 73 8.98 -10.13 9.01
CA GLN D 73 9.61 -9.89 7.71
C GLN D 73 10.89 -10.69 7.64
N ASN D 74 11.05 -11.48 6.59
CA ASN D 74 12.29 -12.23 6.37
C ASN D 74 12.38 -12.60 4.90
N PRO D 75 13.59 -12.75 4.36
CA PRO D 75 13.73 -13.03 2.93
C PRO D 75 13.39 -14.45 2.53
N GLY D 76 13.01 -15.30 3.48
CA GLY D 76 12.54 -16.66 3.19
C GLY D 76 13.65 -17.71 3.24
N LEU D 77 13.22 -18.96 3.40
CA LEU D 77 14.14 -20.06 3.70
C LEU D 77 15.32 -20.13 2.73
N GLU D 78 15.06 -19.98 1.42
CA GLU D 78 16.10 -20.19 0.42
C GLU D 78 17.21 -19.14 0.52
N VAL D 79 16.85 -17.86 0.58
CA VAL D 79 17.84 -16.80 0.69
C VAL D 79 18.55 -16.87 2.03
N ILE D 80 17.87 -17.41 3.04
CA ILE D 80 18.49 -17.52 4.37
C ILE D 80 19.48 -18.67 4.38
N MET D 81 19.14 -19.81 3.76
CA MET D 81 20.10 -20.89 3.62
C MET D 81 21.25 -20.51 2.70
N ALA D 82 20.96 -19.73 1.66
CA ALA D 82 21.94 -19.45 0.62
C ALA D 82 22.75 -18.19 0.84
N GLU D 83 22.20 -17.20 1.55
CA GLU D 83 22.88 -15.91 1.73
C GLU D 83 23.12 -15.58 3.20
N LYS D 84 22.08 -15.56 4.03
CA LYS D 84 22.20 -14.97 5.36
C LYS D 84 23.03 -15.85 6.27
N LEU D 85 22.70 -17.14 6.36
CA LEU D 85 23.43 -18.05 7.23
C LEU D 85 24.87 -18.26 6.76
N PRO D 86 25.12 -18.50 5.46
CA PRO D 86 26.52 -18.58 5.02
C PRO D 86 27.34 -17.35 5.32
N TRP D 87 26.76 -16.14 5.22
CA TRP D 87 27.50 -14.94 5.59
C TRP D 87 27.98 -14.99 7.03
N LEU D 88 27.14 -15.51 7.94
CA LEU D 88 27.53 -15.68 9.32
C LEU D 88 28.52 -16.83 9.49
N ASN D 89 28.38 -17.87 8.68
CA ASN D 89 29.31 -19.00 8.74
C ASN D 89 30.72 -18.56 8.33
N GLU D 90 30.83 -17.73 7.30
CA GLU D 90 32.15 -17.25 6.89
C GLU D 90 32.75 -16.34 7.94
N ASN D 91 32.05 -15.26 8.27
CA ASN D 91 32.67 -14.22 9.07
C ASN D 91 32.83 -14.62 10.53
N PHE D 92 32.00 -15.55 11.02
CA PHE D 92 32.03 -15.99 12.42
C PHE D 92 31.73 -17.48 12.46
N PRO D 93 32.65 -18.31 11.93
CA PRO D 93 32.36 -19.75 11.83
C PRO D 93 32.24 -20.47 13.16
N ASP D 94 32.78 -19.92 14.23
CA ASP D 94 32.71 -20.56 15.54
C ASP D 94 31.60 -20.03 16.42
N LEU D 95 30.96 -18.92 16.04
CA LEU D 95 29.82 -18.38 16.75
C LEU D 95 28.58 -19.22 16.42
N PRO D 96 28.06 -19.99 17.37
CA PRO D 96 26.87 -20.81 17.08
C PRO D 96 25.63 -19.94 16.88
N ILE D 97 24.76 -20.36 15.97
CA ILE D 97 23.58 -19.58 15.61
C ILE D 97 22.34 -20.37 15.98
N ILE D 98 21.41 -19.71 16.66
CA ILE D 98 20.09 -20.25 16.93
C ILE D 98 19.16 -19.75 15.84
N ALA D 99 18.57 -20.68 15.09
CA ALA D 99 17.68 -20.33 13.99
C ALA D 99 16.25 -20.31 14.50
N ASN D 100 15.70 -19.11 14.61
CA ASN D 100 14.30 -18.90 14.92
C ASN D 100 13.46 -19.36 13.72
N VAL D 101 12.49 -20.26 13.96
CA VAL D 101 11.70 -20.84 12.89
C VAL D 101 10.21 -20.60 13.16
N ALA D 102 9.54 -19.98 12.19
CA ALA D 102 8.14 -19.59 12.30
C ALA D 102 7.37 -20.11 11.09
N GLY D 103 6.05 -20.01 11.16
CA GLY D 103 5.23 -20.43 10.05
C GLY D 103 3.77 -20.18 10.31
N SER D 104 2.97 -20.39 9.26
CA SER D 104 1.51 -20.32 9.33
C SER D 104 0.83 -21.67 9.52
N GLU D 105 1.45 -22.76 9.09
CA GLU D 105 0.83 -24.08 9.26
C GLU D 105 1.92 -25.10 9.56
N GLU D 106 1.49 -26.21 10.16
CA GLU D 106 2.44 -27.22 10.63
C GLU D 106 3.35 -27.68 9.51
N ASP D 107 2.78 -27.89 8.31
CA ASP D 107 3.59 -28.33 7.17
C ASP D 107 4.73 -27.38 6.87
N ASP D 108 4.51 -26.08 7.03
CA ASP D 108 5.58 -25.10 6.79
C ASP D 108 6.67 -25.17 7.86
N TYR D 109 6.29 -25.25 9.14
CA TYR D 109 7.27 -25.41 10.22
C TYR D 109 8.16 -26.60 9.97
N VAL D 110 7.56 -27.74 9.63
CA VAL D 110 8.29 -28.99 9.44
C VAL D 110 9.27 -28.85 8.27
N ALA D 111 8.80 -28.27 7.17
CA ALA D 111 9.69 -28.05 6.03
C ALA D 111 10.91 -27.23 6.43
N VAL D 112 10.71 -26.16 7.19
CA VAL D 112 11.86 -25.35 7.61
C VAL D 112 12.73 -26.13 8.59
N CYS D 113 12.10 -26.84 9.54
CA CYS D 113 12.89 -27.59 10.51
C CYS D 113 13.72 -28.69 9.87
N ALA D 114 13.23 -29.30 8.78
CA ALA D 114 13.98 -30.36 8.13
C ALA D 114 15.22 -29.81 7.42
N LYS D 115 15.09 -28.68 6.74
CA LYS D 115 16.13 -28.15 5.87
C LYS D 115 17.14 -27.28 6.60
N ILE D 116 16.70 -26.50 7.59
CA ILE D 116 17.58 -25.43 8.06
C ILE D 116 18.71 -25.93 8.95
N GLY D 117 18.52 -27.09 9.60
CA GLY D 117 19.61 -27.72 10.33
C GLY D 117 20.83 -28.05 9.49
N ASP D 118 20.69 -28.08 8.16
CA ASP D 118 21.82 -28.39 7.30
C ASP D 118 22.92 -27.36 7.40
N ALA D 119 22.57 -26.10 7.67
CA ALA D 119 23.58 -25.05 7.74
C ALA D 119 24.57 -25.38 8.84
N PRO D 120 25.88 -25.23 8.59
CA PRO D 120 26.85 -25.73 9.58
C PRO D 120 26.82 -24.95 10.88
N ASN D 121 26.67 -23.62 10.82
CA ASN D 121 26.68 -22.78 12.02
C ASN D 121 25.38 -22.84 12.80
N VAL D 122 24.31 -23.33 12.20
CA VAL D 122 23.03 -23.44 12.91
C VAL D 122 23.14 -24.63 13.84
N LYS D 123 23.21 -24.36 15.15
CA LYS D 123 23.37 -25.42 16.13
C LYS D 123 22.08 -25.78 16.85
N VAL D 124 21.09 -24.90 16.85
CA VAL D 124 19.82 -25.14 17.53
C VAL D 124 18.73 -24.43 16.72
N ILE D 125 17.53 -25.02 16.72
CA ILE D 125 16.34 -24.41 16.13
C ILE D 125 15.45 -23.84 17.25
N GLU D 126 15.09 -22.57 17.16
CA GLU D 126 14.15 -21.98 18.11
C GLU D 126 12.77 -21.95 17.45
N LEU D 127 11.89 -22.86 17.90
CA LEU D 127 10.57 -23.00 17.32
C LEU D 127 9.69 -21.85 17.81
N ASN D 128 9.29 -20.97 16.89
CA ASN D 128 8.51 -19.79 17.24
C ASN D 128 7.03 -20.13 17.16
N ILE D 129 6.46 -20.54 18.28
CA ILE D 129 5.02 -20.78 18.38
C ILE D 129 4.36 -19.65 19.17
N SER D 130 5.02 -18.48 19.25
CA SER D 130 4.63 -17.39 20.13
C SER D 130 4.52 -16.00 19.49
N CYS D 131 4.88 -15.80 18.22
CA CYS D 131 4.89 -14.44 17.66
C CYS D 131 3.47 -13.88 17.52
N PRO D 132 3.15 -12.77 18.19
CA PRO D 132 1.77 -12.27 18.20
C PRO D 132 1.39 -11.33 17.07
N ASN D 133 2.20 -11.24 16.00
CA ASN D 133 1.99 -10.22 14.98
C ASN D 133 1.53 -10.76 13.63
N VAL D 134 1.49 -12.07 13.45
CA VAL D 134 1.04 -12.66 12.18
C VAL D 134 -0.40 -13.16 12.33
N LYS D 135 -0.96 -13.67 11.23
CA LYS D 135 -2.40 -13.90 11.10
C LYS D 135 -2.82 -15.32 11.46
N HIS D 136 -2.17 -16.34 10.92
CA HIS D 136 -2.58 -17.71 11.20
C HIS D 136 -1.40 -18.68 11.19
N GLY D 137 -0.45 -18.56 12.12
CA GLY D 137 -0.50 -17.63 13.22
C GLY D 137 0.52 -18.03 14.26
N GLY D 138 1.80 -17.86 13.94
CA GLY D 138 2.91 -18.19 14.82
C GLY D 138 2.75 -17.97 16.32
N GLN D 139 1.59 -17.54 16.82
CA GLN D 139 1.27 -17.60 18.24
C GLN D 139 0.04 -18.45 18.56
N ALA D 140 -0.89 -18.59 17.62
CA ALA D 140 -1.81 -19.74 17.68
C ALA D 140 -0.98 -20.95 17.26
N PHE D 141 -0.68 -21.80 18.24
CA PHE D 141 0.21 -22.96 18.22
C PHE D 141 0.80 -23.00 19.61
N GLY D 142 0.82 -21.86 20.29
CA GLY D 142 1.42 -21.76 21.60
C GLY D 142 0.45 -21.56 22.74
N THR D 143 -0.84 -21.47 22.42
CA THR D 143 -1.87 -21.25 23.45
C THR D 143 -2.64 -22.51 23.83
N ASP D 144 -2.45 -23.62 23.12
CA ASP D 144 -3.15 -24.88 23.38
C ASP D 144 -2.12 -26.01 23.50
N PRO D 145 -2.09 -26.75 24.61
CA PRO D 145 -1.02 -27.75 24.80
C PRO D 145 -0.99 -28.86 23.75
N ASP D 146 -2.16 -29.38 23.34
CA ASP D 146 -2.13 -30.51 22.42
C ASP D 146 -1.69 -30.05 21.03
N VAL D 147 -2.24 -28.93 20.55
CA VAL D 147 -1.78 -28.33 19.30
C VAL D 147 -0.27 -28.13 19.33
N ALA D 148 0.23 -27.58 20.44
CA ALA D 148 1.67 -27.32 20.57
C ALA D 148 2.46 -28.61 20.52
N ALA D 149 2.02 -29.62 21.28
CA ALA D 149 2.74 -30.89 21.28
C ALA D 149 2.79 -31.47 19.87
N ALA D 150 1.69 -31.34 19.12
CA ALA D 150 1.66 -31.85 17.76
C ALA D 150 2.74 -31.19 16.90
N LEU D 151 2.77 -29.85 16.89
CA LEU D 151 3.80 -29.13 16.14
C LEU D 151 5.20 -29.51 16.62
N VAL D 152 5.40 -29.56 17.94
CA VAL D 152 6.71 -29.93 18.46
C VAL D 152 7.07 -31.33 17.98
N LYS D 153 6.14 -32.28 18.14
CA LYS D 153 6.44 -33.68 17.82
C LYS D 153 6.76 -33.85 16.33
N ALA D 154 5.97 -33.23 15.46
CA ALA D 154 6.24 -33.26 14.03
C ALA D 154 7.61 -32.67 13.70
N CYS D 155 7.90 -31.48 14.24
CA CYS D 155 9.19 -30.83 13.94
C CYS D 155 10.35 -31.57 14.56
N LYS D 156 10.15 -32.20 15.72
CA LYS D 156 11.23 -32.98 16.33
C LYS D 156 11.67 -34.13 15.42
N ALA D 157 10.73 -34.73 14.68
CA ALA D 157 11.01 -35.91 13.86
C ALA D 157 11.94 -35.63 12.68
N VAL D 158 12.07 -34.38 12.23
CA VAL D 158 12.83 -34.05 11.03
C VAL D 158 14.04 -33.16 11.30
N SER D 159 14.24 -32.76 12.55
CA SER D 159 15.26 -31.77 12.89
C SER D 159 16.62 -32.45 13.03
N LYS D 160 17.62 -31.88 12.38
CA LYS D 160 18.99 -32.35 12.56
C LYS D 160 19.76 -31.63 13.67
N VAL D 161 19.13 -30.72 14.40
CA VAL D 161 19.77 -30.04 15.54
C VAL D 161 18.81 -30.10 16.71
N PRO D 162 19.30 -29.80 17.93
CA PRO D 162 18.38 -29.74 19.08
C PRO D 162 17.28 -28.71 18.85
N LEU D 163 16.09 -29.02 19.32
CA LEU D 163 14.88 -28.23 19.07
C LEU D 163 14.44 -27.58 20.38
N TYR D 164 14.49 -26.25 20.44
CA TYR D 164 13.91 -25.53 21.56
C TYR D 164 12.59 -24.91 21.13
N VAL D 165 11.71 -24.72 22.10
CA VAL D 165 10.41 -24.13 21.85
C VAL D 165 10.33 -22.78 22.56
N LYS D 166 10.02 -21.73 21.80
CA LYS D 166 9.85 -20.39 22.35
C LYS D 166 8.39 -20.16 22.76
N LEU D 167 8.18 -19.93 24.04
CA LEU D 167 6.84 -19.85 24.61
C LEU D 167 6.30 -18.42 24.63
N SER D 168 4.96 -18.29 24.49
CA SER D 168 4.26 -17.02 24.56
C SER D 168 3.73 -16.77 25.96
N PRO D 169 3.79 -15.53 26.44
CA PRO D 169 3.23 -15.21 27.76
C PRO D 169 1.74 -14.99 27.74
N ASN D 170 1.12 -14.93 26.58
CA ASN D 170 -0.28 -14.52 26.46
C ASN D 170 -1.22 -15.72 26.65
N VAL D 171 -1.08 -16.39 27.79
CA VAL D 171 -1.85 -17.60 28.09
C VAL D 171 -2.31 -17.55 29.55
N THR D 172 -3.44 -18.21 29.80
CA THR D 172 -3.98 -18.25 31.16
C THR D 172 -3.06 -19.02 32.10
N ASP D 173 -2.51 -20.14 31.63
CA ASP D 173 -1.63 -20.99 32.41
C ASP D 173 -0.56 -21.55 31.48
N ILE D 174 0.70 -21.16 31.71
CA ILE D 174 1.77 -21.58 30.80
C ILE D 174 2.31 -22.98 31.14
N VAL D 175 1.91 -23.54 32.27
CA VAL D 175 2.48 -24.81 32.73
C VAL D 175 2.05 -25.97 31.84
N PRO D 176 0.76 -26.17 31.56
CA PRO D 176 0.41 -27.27 30.65
C PRO D 176 1.10 -27.18 29.31
N ILE D 177 1.16 -25.98 28.72
CA ILE D 177 1.86 -25.82 27.45
C ILE D 177 3.32 -26.17 27.60
N ALA D 178 3.95 -25.77 28.72
CA ALA D 178 5.37 -26.05 28.88
C ALA D 178 5.63 -27.54 29.07
N LYS D 179 4.88 -28.17 29.98
CA LYS D 179 5.00 -29.61 30.19
C LYS D 179 4.73 -30.39 28.91
N ALA D 180 3.62 -30.10 28.24
CA ALA D 180 3.24 -30.83 27.03
C ALA D 180 4.34 -30.78 25.99
N VAL D 181 5.04 -29.66 25.90
CA VAL D 181 6.08 -29.48 24.91
C VAL D 181 7.35 -30.25 25.30
N GLU D 182 7.64 -30.37 26.61
CA GLU D 182 8.77 -31.17 27.06
C GLU D 182 8.56 -32.64 26.71
N ALA D 183 7.35 -33.14 26.95
CA ALA D 183 7.00 -34.52 26.61
C ALA D 183 7.07 -34.77 25.11
N ALA D 184 6.86 -33.75 24.29
CA ALA D 184 6.91 -33.93 22.85
C ALA D 184 8.33 -33.91 22.29
N GLY D 185 9.35 -33.79 23.14
CA GLY D 185 10.72 -33.95 22.68
C GLY D 185 11.56 -32.71 22.63
N ALA D 186 11.10 -31.60 23.20
CA ALA D 186 11.89 -30.37 23.23
C ALA D 186 13.12 -30.55 24.12
N ASP D 187 14.27 -30.18 23.57
CA ASP D 187 15.51 -30.21 24.33
C ASP D 187 15.61 -29.06 25.31
N GLY D 188 14.86 -27.99 25.07
CA GLY D 188 14.93 -26.82 25.93
C GLY D 188 13.84 -25.84 25.55
N LEU D 189 13.75 -24.78 26.34
CA LEU D 189 12.77 -23.74 26.13
C LEU D 189 13.45 -22.40 26.07
N THR D 190 12.83 -21.48 25.33
CA THR D 190 13.17 -20.07 25.45
C THR D 190 11.89 -19.29 25.74
N MET D 191 11.99 -18.34 26.65
CA MET D 191 10.83 -17.56 27.06
C MET D 191 11.34 -16.26 27.64
N ILE D 192 10.61 -15.16 27.44
CA ILE D 192 9.31 -15.15 26.79
C ILE D 192 9.31 -14.37 25.48
N ASN D 193 8.29 -14.63 24.67
CA ASN D 193 8.00 -13.73 23.58
C ASN D 193 7.22 -12.54 24.14
N THR D 194 6.77 -11.65 23.26
CA THR D 194 6.20 -10.38 23.70
C THR D 194 4.75 -10.52 24.17
N LEU D 195 4.34 -9.61 25.05
CA LEU D 195 2.94 -9.40 25.34
C LEU D 195 2.30 -8.54 24.25
N MET D 196 0.99 -8.45 24.28
CA MET D 196 0.26 -7.71 23.26
C MET D 196 -0.07 -6.32 23.80
N GLY D 197 0.15 -5.30 22.96
CA GLY D 197 -0.11 -3.93 23.36
C GLY D 197 -0.61 -3.09 22.21
N VAL D 198 -1.20 -1.97 22.57
CA VAL D 198 -1.73 -1.01 21.61
C VAL D 198 -1.42 0.39 22.11
N ARG D 199 -1.03 1.27 21.19
CA ARG D 199 -1.02 2.70 21.46
C ARG D 199 -1.99 3.39 20.50
N PHE D 200 -2.60 4.46 20.97
CA PHE D 200 -3.50 5.25 20.14
C PHE D 200 -2.94 6.65 19.92
N ASP D 201 -3.12 7.15 18.70
CA ASP D 201 -2.74 8.51 18.33
C ASP D 201 -3.87 9.47 18.70
N LEU D 202 -3.57 10.44 19.58
CA LEU D 202 -4.64 11.29 20.12
C LEU D 202 -5.22 12.23 19.08
N LYS D 203 -4.42 12.59 18.07
CA LYS D 203 -4.91 13.45 17.00
C LYS D 203 -5.84 12.69 16.04
N THR D 204 -5.38 11.55 15.52
CA THR D 204 -6.14 10.76 14.57
C THR D 204 -7.15 9.84 15.22
N ARG D 205 -7.02 9.59 16.52
CA ARG D 205 -7.89 8.67 17.24
C ARG D 205 -7.77 7.25 16.73
N LYS D 206 -6.76 6.96 15.93
CA LYS D 206 -6.52 5.63 15.42
C LYS D 206 -5.29 5.01 16.06
N PRO D 207 -5.17 3.69 16.04
CA PRO D 207 -3.93 3.04 16.52
C PRO D 207 -2.71 3.61 15.83
N VAL D 208 -1.61 3.69 16.58
CA VAL D 208 -0.33 4.09 15.99
C VAL D 208 0.14 3.03 15.00
N LEU D 209 -0.02 1.75 15.37
CA LEU D 209 0.44 0.66 14.53
C LEU D 209 -0.58 0.38 13.43
N ALA D 210 -0.09 0.26 12.19
CA ALA D 210 -0.96 -0.17 11.10
C ALA D 210 -1.62 -1.49 11.44
N ASN D 211 -0.88 -2.40 12.10
CA ASN D 211 -1.42 -3.67 12.54
C ASN D 211 -2.37 -3.55 13.73
N ILE D 212 -2.61 -2.32 14.23
CA ILE D 212 -3.40 -2.04 15.43
C ILE D 212 -2.67 -2.55 16.68
N THR D 213 -2.61 -3.88 16.84
CA THR D 213 -1.88 -4.48 17.95
C THR D 213 -0.41 -4.70 17.58
N GLY D 214 0.42 -4.81 18.61
CA GLY D 214 1.83 -5.13 18.42
C GLY D 214 2.36 -5.81 19.65
N GLY D 215 3.57 -6.35 19.51
CA GLY D 215 4.20 -7.04 20.62
C GLY D 215 4.87 -6.03 21.53
N LEU D 216 4.64 -6.16 22.83
CA LEU D 216 5.19 -5.28 23.84
C LEU D 216 6.45 -5.91 24.41
N SER D 217 7.56 -5.19 24.31
CA SER D 217 8.84 -5.70 24.80
C SER D 217 9.57 -4.60 25.57
N GLY D 218 10.65 -5.01 26.24
CA GLY D 218 11.50 -4.08 26.97
C GLY D 218 11.46 -4.31 28.48
N PRO D 219 12.18 -3.46 29.22
CA PRO D 219 12.22 -3.58 30.68
C PRO D 219 10.85 -3.64 31.35
N ALA D 220 9.85 -2.97 30.79
CA ALA D 220 8.52 -2.99 31.36
C ALA D 220 8.04 -4.42 31.61
N ILE D 221 8.40 -5.37 30.74
CA ILE D 221 7.85 -6.71 30.81
C ILE D 221 8.74 -7.67 31.59
N LYS D 222 9.92 -7.23 32.04
CA LYS D 222 10.82 -8.13 32.77
C LYS D 222 10.15 -8.86 33.92
N PRO D 223 9.34 -8.21 34.77
CA PRO D 223 8.71 -8.96 35.87
C PRO D 223 7.80 -10.08 35.40
N VAL D 224 7.16 -9.90 34.25
CA VAL D 224 6.31 -10.96 33.72
C VAL D 224 7.17 -12.10 33.21
N ALA D 225 8.27 -11.78 32.54
CA ALA D 225 9.20 -12.82 32.08
C ALA D 225 9.74 -13.62 33.26
N LEU D 226 10.22 -12.93 34.28
CA LEU D 226 10.74 -13.61 35.46
C LEU D 226 9.68 -14.49 36.11
N LYS D 227 8.46 -13.98 36.21
CA LYS D 227 7.40 -14.77 36.82
C LYS D 227 7.21 -16.09 36.07
N LEU D 228 7.12 -16.02 34.74
CA LEU D 228 6.80 -17.21 33.96
C LEU D 228 7.98 -18.16 33.88
N ILE D 229 9.20 -17.63 33.75
CA ILE D 229 10.40 -18.48 33.77
C ILE D 229 10.50 -19.23 35.10
N HIS D 230 10.32 -18.50 36.21
CA HIS D 230 10.30 -19.17 37.51
C HIS D 230 9.21 -20.22 37.56
N GLN D 231 8.00 -19.86 37.12
CA GLN D 231 6.89 -20.80 37.13
C GLN D 231 7.22 -22.04 36.32
N VAL D 232 7.80 -21.87 35.13
CA VAL D 232 8.09 -23.01 34.27
C VAL D 232 9.22 -23.85 34.85
N ALA D 233 10.22 -23.19 35.45
CA ALA D 233 11.37 -23.92 35.97
C ALA D 233 10.98 -24.89 37.08
N GLN D 234 9.86 -24.67 37.76
CA GLN D 234 9.45 -25.59 38.82
C GLN D 234 8.79 -26.85 38.30
N VAL D 235 8.54 -26.95 37.00
CA VAL D 235 7.65 -27.97 36.45
C VAL D 235 8.24 -28.71 35.27
N VAL D 236 9.42 -28.32 34.79
CA VAL D 236 10.11 -28.98 33.70
C VAL D 236 11.54 -29.19 34.14
N ASP D 237 12.21 -30.14 33.47
CA ASP D 237 13.61 -30.41 33.73
C ASP D 237 14.53 -30.02 32.59
N ILE D 238 13.99 -29.62 31.44
CA ILE D 238 14.79 -29.11 30.33
C ILE D 238 15.22 -27.68 30.61
N PRO D 239 16.35 -27.23 30.08
CA PRO D 239 16.85 -25.89 30.39
C PRO D 239 16.08 -24.77 29.67
N ILE D 240 16.23 -23.55 30.20
CA ILE D 240 15.49 -22.38 29.76
C ILE D 240 16.45 -21.25 29.40
N ILE D 241 16.32 -20.70 28.20
CA ILE D 241 17.00 -19.45 27.87
C ILE D 241 16.02 -18.32 28.14
N GLY D 242 16.29 -17.52 29.18
CA GLY D 242 15.36 -16.49 29.62
C GLY D 242 15.60 -15.16 28.92
N MET D 243 14.50 -14.48 28.59
CA MET D 243 14.58 -13.18 27.93
C MET D 243 13.32 -12.37 28.22
N GLY D 244 13.46 -11.05 28.10
CA GLY D 244 12.36 -10.16 28.40
C GLY D 244 12.80 -9.03 29.29
N GLY D 245 13.15 -7.89 28.68
CA GLY D 245 13.51 -6.72 29.44
C GLY D 245 14.92 -6.65 29.95
N VAL D 246 15.78 -7.58 29.55
CA VAL D 246 17.14 -7.61 30.08
C VAL D 246 17.94 -6.45 29.52
N GLU D 247 18.53 -5.65 30.42
CA GLU D 247 19.35 -4.53 29.98
CA GLU D 247 19.31 -4.48 30.05
C GLU D 247 20.66 -4.39 30.75
N SER D 248 20.97 -5.29 31.69
CA SER D 248 22.13 -5.17 32.56
C SER D 248 22.57 -6.55 33.03
N ALA D 249 23.81 -6.62 33.54
CA ALA D 249 24.30 -7.86 34.13
C ALA D 249 23.46 -8.28 35.33
N GLN D 250 23.01 -7.31 36.14
CA GLN D 250 22.05 -7.59 37.22
C GLN D 250 20.83 -8.34 36.69
N ASP D 251 20.23 -7.84 35.61
CA ASP D 251 19.09 -8.52 34.98
C ASP D 251 19.46 -9.95 34.59
N VAL D 252 20.65 -10.15 33.99
CA VAL D 252 21.08 -11.50 33.63
C VAL D 252 21.12 -12.39 34.86
N LEU D 253 21.74 -11.88 35.93
CA LEU D 253 21.77 -12.63 37.19
C LEU D 253 20.37 -12.87 37.72
N GLU D 254 19.49 -11.86 37.65
CA GLU D 254 18.12 -12.05 38.12
C GLU D 254 17.41 -13.15 37.33
N MET D 255 17.64 -13.21 36.01
CA MET D 255 17.15 -14.32 35.21
C MET D 255 17.63 -15.66 35.75
N TYR D 256 18.89 -15.72 36.19
CA TYR D 256 19.39 -16.98 36.75
C TYR D 256 18.67 -17.31 38.04
N MET D 257 18.51 -16.32 38.92
CA MET D 257 17.74 -16.50 40.15
C MET D 257 16.36 -17.09 39.86
N ALA D 258 15.81 -16.81 38.67
CA ALA D 258 14.50 -17.34 38.28
C ALA D 258 14.59 -18.73 37.69
N GLY D 259 15.77 -19.17 37.26
CA GLY D 259 15.93 -20.52 36.75
C GLY D 259 16.38 -20.66 35.31
N ALA D 260 16.85 -19.57 34.72
CA ALA D 260 17.37 -19.61 33.36
C ALA D 260 18.80 -20.14 33.34
N SER D 261 19.20 -20.69 32.19
CA SER D 261 20.58 -21.11 31.99
C SER D 261 21.36 -20.18 31.08
N ALA D 262 20.67 -19.37 30.27
CA ALA D 262 21.32 -18.31 29.51
C ALA D 262 20.26 -17.25 29.22
N VAL D 263 20.70 -16.08 28.79
CA VAL D 263 19.83 -14.91 28.74
C VAL D 263 19.91 -14.25 27.38
N ALA D 264 18.76 -14.10 26.73
CA ALA D 264 18.70 -13.33 25.49
C ALA D 264 18.38 -11.87 25.80
N VAL D 265 18.87 -10.99 24.93
CA VAL D 265 18.78 -9.55 25.08
C VAL D 265 18.24 -8.96 23.77
N GLY D 266 17.07 -8.33 23.84
CA GLY D 266 16.41 -7.86 22.64
C GLY D 266 16.34 -6.36 22.45
N THR D 267 15.33 -5.75 23.05
CA THR D 267 15.02 -4.34 22.87
C THR D 267 16.18 -3.43 23.30
N ALA D 268 16.95 -3.82 24.32
CA ALA D 268 18.04 -2.99 24.80
C ALA D 268 19.06 -2.66 23.71
N ASN D 269 19.24 -3.54 22.72
CA ASN D 269 20.19 -3.25 21.65
C ASN D 269 19.82 -1.97 20.91
N PHE D 270 18.53 -1.58 20.92
CA PHE D 270 18.14 -0.34 20.22
C PHE D 270 18.47 0.91 21.03
N ALA D 271 18.40 0.86 22.37
CA ALA D 271 18.76 2.02 23.16
C ALA D 271 20.28 2.20 23.22
N ASP D 272 20.98 1.08 23.40
CA ASP D 272 22.43 1.04 23.55
C ASP D 272 22.91 -0.07 22.63
N PRO D 273 23.49 0.28 21.49
CA PRO D 273 23.96 -0.75 20.53
C PRO D 273 25.05 -1.65 21.09
N PHE D 274 25.80 -1.19 22.10
CA PHE D 274 26.85 -1.98 22.68
C PHE D 274 26.40 -2.75 23.92
N VAL D 275 25.10 -2.81 24.18
CA VAL D 275 24.61 -3.32 25.46
C VAL D 275 25.01 -4.77 25.66
N CYS D 276 25.04 -5.58 24.59
CA CYS D 276 25.40 -6.98 24.76
C CYS D 276 26.87 -7.14 25.14
N PRO D 277 27.85 -6.54 24.44
CA PRO D 277 29.23 -6.65 24.92
C PRO D 277 29.46 -5.99 26.27
N LYS D 278 28.83 -4.84 26.54
CA LYS D 278 28.98 -4.21 27.84
C LYS D 278 28.55 -5.13 28.98
N ILE D 279 27.46 -5.88 28.79
CA ILE D 279 26.98 -6.83 29.81
C ILE D 279 27.99 -7.96 29.97
N ILE D 280 28.56 -8.44 28.87
CA ILE D 280 29.59 -9.47 28.94
C ILE D 280 30.79 -8.97 29.74
N GLU D 281 31.14 -7.70 29.59
CA GLU D 281 32.28 -7.15 30.30
C GLU D 281 31.95 -6.90 31.78
N LYS D 282 30.72 -6.47 32.10
CA LYS D 282 30.40 -6.18 33.50
C LYS D 282 29.91 -7.38 34.28
N LEU D 283 29.62 -8.50 33.63
CA LEU D 283 29.15 -9.66 34.38
C LEU D 283 30.08 -10.11 35.50
N PRO D 284 31.41 -10.16 35.34
CA PRO D 284 32.26 -10.67 36.44
C PRO D 284 32.27 -9.80 37.70
N GLU D 285 32.39 -8.47 37.57
CA GLU D 285 32.28 -7.57 38.73
C GLU D 285 31.00 -7.80 39.51
N VAL D 286 29.87 -7.89 38.81
CA VAL D 286 28.59 -8.02 39.49
C VAL D 286 28.48 -9.42 40.11
N MET D 287 28.99 -10.45 39.43
CA MET D 287 29.01 -11.77 40.03
C MET D 287 29.86 -11.79 41.30
N ASP D 288 31.00 -11.09 41.29
CA ASP D 288 31.78 -10.90 42.51
C ASP D 288 30.95 -10.21 43.57
N GLN D 289 30.31 -9.10 43.21
CA GLN D 289 29.46 -8.35 44.13
C GLN D 289 28.45 -9.24 44.84
N TYR D 290 27.96 -10.30 44.19
CA TYR D 290 26.99 -11.19 44.81
C TYR D 290 27.57 -12.58 45.05
N GLY D 291 28.89 -12.67 45.12
CA GLY D 291 29.58 -13.88 45.49
C GLY D 291 29.23 -15.08 44.63
N ILE D 292 29.28 -14.91 43.32
CA ILE D 292 28.98 -15.99 42.40
C ILE D 292 30.27 -16.35 41.68
N ASP D 293 30.68 -17.62 41.83
CA ASP D 293 31.92 -18.09 41.26
C ASP D 293 31.76 -18.31 39.75
N SER D 294 30.75 -19.08 39.37
CA SER D 294 30.52 -19.34 37.96
C SER D 294 29.03 -19.44 37.71
N LEU D 295 28.63 -19.11 36.48
CA LEU D 295 27.24 -19.27 36.09
C LEU D 295 26.85 -20.75 36.07
N GLU D 296 27.79 -21.63 35.71
CA GLU D 296 27.54 -23.07 35.76
C GLU D 296 27.26 -23.52 37.19
N ASN D 297 27.99 -22.98 38.17
CA ASN D 297 27.68 -23.26 39.55
C ASN D 297 26.30 -22.74 39.92
N LEU D 298 26.04 -21.47 39.60
CA LEU D 298 24.76 -20.84 39.95
C LEU D 298 23.59 -21.62 39.39
N ILE D 299 23.72 -22.15 38.17
CA ILE D 299 22.65 -22.96 37.60
C ILE D 299 22.35 -24.14 38.50
N GLN D 300 23.40 -24.77 39.03
CA GLN D 300 23.18 -25.94 39.86
C GLN D 300 22.61 -25.55 41.23
N GLU D 301 23.16 -24.50 41.86
CA GLU D 301 22.66 -24.06 43.16
C GLU D 301 21.19 -23.68 43.08
N VAL D 302 20.81 -22.93 42.04
CA VAL D 302 19.42 -22.54 41.85
C VAL D 302 18.55 -23.78 41.60
N LYS D 303 19.01 -24.68 40.72
CA LYS D 303 18.23 -25.88 40.40
C LYS D 303 18.02 -26.75 41.62
N ASN D 304 18.92 -26.69 42.60
CA ASN D 304 18.77 -27.48 43.80
C ASN D 304 17.93 -26.80 44.87
N SER D 305 17.57 -25.53 44.70
CA SER D 305 16.73 -24.82 45.65
C SER D 305 15.32 -25.41 45.69
#